data_5DT2
#
_entry.id   5DT2
#
_cell.length_a   158.320
_cell.length_b   158.320
_cell.length_c   74.570
_cell.angle_alpha   90.00
_cell.angle_beta   90.00
_cell.angle_gamma   120.00
#
_symmetry.space_group_name_H-M   'P 63'
#
loop_
_entity.id
_entity.type
_entity.pdbx_description
1 polymer 'Histone-lysine N-methyltransferase, H3 lysine-79 specific'
2 non-polymer N~4~-methyl-N~2~-[2-methyl-1-(2-phenoxyphenyl)-1H-indol-6-yl]pyrimidine-2,4-diamine
3 non-polymer 'SULFATE ION'
4 water water
#
_entity_poly.entity_id   1
_entity_poly.type   'polypeptide(L)'
_entity_poly.pdbx_seq_one_letter_code
;GPGEKLELRLKSPVGAEPAVYPWPLPVYDKHHDAAHEIIETIRWVCEEIPDLKLAMENYVLIDYDTKSFESMQRLCDKYN
RAIDSIHQLWKGTTQPMKLNTRPSTGLLRHILQQVYNHSVTDPEKLNNYEPFSPEVYGETSFDLVAQMIDEIKMTDDDLF
VDLGSGVGQVVLQVAAATNCKHHYGVEKADIPAKYAETMDREFRKWMKWYGKKHAEYTLERGDFLSEEWRERIANTSVIF
VNNFAFGPEVDHQLKERFANMKEGGRIVSSKPFAPLNFRINSRNLSDIGTIMRVVELSPLKGSVSWTGKPVSYYLHTIDR
TILENYFSSLKNPG
;
_entity_poly.pdbx_strand_id   A,B
#
loop_
_chem_comp.id
_chem_comp.type
_chem_comp.name
_chem_comp.formula
5EV non-polymer N~4~-methyl-N~2~-[2-methyl-1-(2-phenoxyphenyl)-1H-indol-6-yl]pyrimidine-2,4-diamine 'C26 H23 N5 O'
SO4 non-polymer 'SULFATE ION' 'O4 S -2'
#
# COMPACT_ATOMS: atom_id res chain seq x y z
N LEU A 6 13.40 -24.98 -19.75
CA LEU A 6 12.91 -25.94 -18.77
C LEU A 6 12.72 -25.32 -17.37
N GLU A 7 13.75 -24.63 -16.82
CA GLU A 7 13.67 -24.03 -15.48
C GLU A 7 14.59 -22.81 -15.26
N LEU A 8 14.34 -22.01 -14.19
CA LEU A 8 15.12 -20.82 -13.79
C LEU A 8 15.64 -21.05 -12.38
N ARG A 9 16.90 -20.65 -12.12
CA ARG A 9 17.52 -20.84 -10.81
C ARG A 9 18.11 -19.55 -10.26
N LEU A 10 17.89 -19.29 -8.96
CA LEU A 10 18.44 -18.14 -8.26
C LEU A 10 19.29 -18.63 -7.11
N LYS A 11 20.58 -18.33 -7.18
CA LYS A 11 21.50 -18.69 -6.12
C LYS A 11 21.23 -17.85 -4.89
N SER A 12 21.23 -18.48 -3.71
CA SER A 12 20.99 -17.82 -2.43
C SER A 12 22.18 -16.92 -2.05
N PRO A 13 21.96 -15.68 -1.55
CA PRO A 13 23.08 -14.85 -1.09
C PRO A 13 23.89 -15.46 0.08
N VAL A 14 23.30 -16.43 0.80
CA VAL A 14 23.99 -17.06 1.96
C VAL A 14 24.37 -18.55 1.74
N GLY A 15 24.34 -19.02 0.50
CA GLY A 15 24.73 -20.41 0.20
C GLY A 15 23.72 -21.49 0.54
N ALA A 16 22.43 -21.11 0.75
CA ALA A 16 21.34 -22.07 0.97
C ALA A 16 21.06 -22.73 -0.42
N GLU A 17 20.16 -23.71 -0.48
CA GLU A 17 19.88 -24.34 -1.78
C GLU A 17 19.26 -23.32 -2.78
N PRO A 18 19.55 -23.40 -4.08
CA PRO A 18 18.96 -22.40 -5.00
C PRO A 18 17.44 -22.46 -5.10
N ALA A 19 16.80 -21.32 -5.42
CA ALA A 19 15.35 -21.22 -5.66
C ALA A 19 15.16 -21.74 -7.07
N VAL A 20 14.31 -22.75 -7.25
CA VAL A 20 14.10 -23.32 -8.57
C VAL A 20 12.68 -23.04 -9.05
N TYR A 21 12.58 -22.33 -10.19
CA TYR A 21 11.29 -21.98 -10.79
C TYR A 21 11.10 -22.79 -12.09
N PRO A 22 9.97 -23.50 -12.29
CA PRO A 22 9.79 -24.19 -13.58
C PRO A 22 9.40 -23.22 -14.68
N TRP A 23 9.68 -23.56 -15.94
CA TRP A 23 9.25 -22.74 -17.07
C TRP A 23 8.32 -23.58 -17.94
N PRO A 24 7.15 -23.05 -18.40
CA PRO A 24 6.61 -21.71 -18.13
C PRO A 24 6.36 -21.47 -16.65
N LEU A 25 6.58 -20.22 -16.21
CA LEU A 25 6.41 -19.83 -14.82
C LEU A 25 4.96 -19.90 -14.42
N PRO A 26 4.66 -20.31 -13.18
CA PRO A 26 3.25 -20.32 -12.72
C PRO A 26 2.58 -18.96 -12.78
N VAL A 27 1.28 -18.95 -13.11
CA VAL A 27 0.49 -17.72 -13.13
C VAL A 27 -0.13 -17.52 -11.75
N TYR A 28 0.11 -16.35 -11.16
CA TYR A 28 -0.42 -16.01 -9.83
C TYR A 28 -1.75 -15.29 -10.01
N ASP A 29 -2.19 -14.51 -9.00
CA ASP A 29 -3.43 -13.73 -9.12
C ASP A 29 -3.22 -12.58 -10.11
N LYS A 30 -4.31 -11.97 -10.64
CA LYS A 30 -4.30 -10.91 -11.66
C LYS A 30 -3.20 -9.84 -11.52
N HIS A 31 -2.84 -9.41 -10.29
CA HIS A 31 -1.85 -8.33 -10.13
C HIS A 31 -0.51 -8.76 -9.46
N HIS A 32 -0.10 -10.02 -9.72
CA HIS A 32 1.15 -10.62 -9.27
C HIS A 32 1.56 -11.65 -10.33
N ASP A 33 2.86 -11.78 -10.60
CA ASP A 33 3.38 -12.76 -11.53
C ASP A 33 4.79 -13.18 -11.10
N ALA A 34 5.12 -14.47 -11.32
CA ALA A 34 6.37 -15.10 -10.91
C ALA A 34 7.62 -14.44 -11.47
N ALA A 35 7.53 -13.94 -12.70
CA ALA A 35 8.65 -13.30 -13.38
C ALA A 35 9.07 -12.03 -12.64
N HIS A 36 8.08 -11.19 -12.24
CA HIS A 36 8.36 -9.97 -11.49
C HIS A 36 8.83 -10.28 -10.09
N GLU A 37 8.39 -11.43 -9.51
CA GLU A 37 8.85 -11.95 -8.22
C GLU A 37 10.37 -12.21 -8.29
N ILE A 38 10.86 -12.84 -9.38
CA ILE A 38 12.27 -13.15 -9.60
C ILE A 38 13.11 -11.86 -9.66
N ILE A 39 12.65 -10.91 -10.46
CA ILE A 39 13.25 -9.58 -10.65
C ILE A 39 13.33 -8.82 -9.29
N GLU A 40 12.21 -8.78 -8.55
CA GLU A 40 12.14 -8.10 -7.24
C GLU A 40 13.02 -8.78 -6.22
N THR A 41 13.07 -10.13 -6.22
CA THR A 41 13.98 -10.91 -5.38
C THR A 41 15.42 -10.46 -5.59
N ILE A 42 15.86 -10.33 -6.89
CA ILE A 42 17.21 -9.87 -7.26
C ILE A 42 17.43 -8.45 -6.73
N ARG A 43 16.47 -7.54 -6.94
CA ARG A 43 16.57 -6.15 -6.47
C ARG A 43 16.71 -6.07 -4.95
N TRP A 44 15.96 -6.91 -4.19
CA TRP A 44 16.06 -6.95 -2.72
C TRP A 44 17.42 -7.50 -2.25
N VAL A 45 17.93 -8.57 -2.88
CA VAL A 45 19.26 -9.09 -2.56
C VAL A 45 20.34 -8.00 -2.86
N CYS A 46 20.19 -7.22 -3.95
CA CYS A 46 21.10 -6.12 -4.27
C CYS A 46 21.12 -5.03 -3.20
N GLU A 47 19.97 -4.79 -2.54
CA GLU A 47 19.85 -3.83 -1.44
C GLU A 47 20.55 -4.34 -0.20
N GLU A 48 20.39 -5.65 0.10
CA GLU A 48 21.02 -6.36 1.22
C GLU A 48 22.54 -6.36 1.06
N ILE A 49 23.04 -6.51 -0.18
CA ILE A 49 24.48 -6.58 -0.45
C ILE A 49 24.94 -5.47 -1.42
N PRO A 50 25.41 -4.32 -0.89
CA PRO A 50 25.92 -3.24 -1.77
C PRO A 50 26.94 -3.65 -2.86
N ASP A 51 27.85 -4.61 -2.57
CA ASP A 51 28.88 -5.08 -3.54
C ASP A 51 28.26 -5.75 -4.78
N LEU A 52 27.10 -6.41 -4.60
CA LEU A 52 26.33 -7.09 -5.65
C LEU A 52 25.90 -6.14 -6.76
N LYS A 53 25.47 -4.90 -6.39
CA LYS A 53 25.10 -3.84 -7.35
C LYS A 53 26.33 -3.50 -8.22
N LEU A 54 27.52 -3.38 -7.60
CA LEU A 54 28.79 -3.09 -8.28
C LEU A 54 29.22 -4.23 -9.21
N ALA A 55 28.95 -5.48 -8.81
CA ALA A 55 29.32 -6.66 -9.60
C ALA A 55 28.41 -6.82 -10.82
N MET A 56 27.16 -6.35 -10.70
CA MET A 56 26.14 -6.46 -11.74
C MET A 56 26.11 -5.30 -12.70
N GLU A 57 26.06 -5.61 -14.01
CA GLU A 57 25.94 -4.65 -15.09
C GLU A 57 24.54 -4.03 -15.02
N ASN A 58 24.47 -2.68 -15.13
CA ASN A 58 23.25 -1.86 -14.98
C ASN A 58 22.04 -2.28 -15.83
N TYR A 59 22.27 -2.58 -17.12
CA TYR A 59 21.23 -2.94 -18.11
C TYR A 59 20.38 -4.18 -17.73
N VAL A 60 20.96 -5.13 -16.98
CA VAL A 60 20.40 -6.44 -16.64
C VAL A 60 19.03 -6.33 -15.96
N LEU A 61 18.91 -5.48 -14.93
CA LEU A 61 17.64 -5.26 -14.24
C LEU A 61 16.75 -4.17 -14.91
N ILE A 62 17.26 -3.49 -15.97
CA ILE A 62 16.47 -2.47 -16.67
C ILE A 62 15.73 -3.10 -17.89
N ASP A 63 16.52 -3.69 -18.82
CA ASP A 63 16.06 -4.31 -20.05
C ASP A 63 15.89 -5.82 -19.90
N TYR A 64 14.63 -6.30 -19.98
CA TYR A 64 14.27 -7.71 -19.85
C TYR A 64 12.90 -7.99 -20.47
N ASP A 65 12.62 -9.28 -20.73
CA ASP A 65 11.35 -9.70 -21.29
C ASP A 65 10.84 -10.91 -20.51
N THR A 66 9.85 -10.67 -19.61
CA THR A 66 9.22 -11.67 -18.74
C THR A 66 8.56 -12.82 -19.52
N LYS A 67 8.27 -12.59 -20.81
CA LYS A 67 7.61 -13.55 -21.69
C LYS A 67 8.60 -14.38 -22.50
N SER A 68 9.91 -14.18 -22.26
CA SER A 68 10.96 -14.91 -22.97
C SER A 68 11.80 -15.71 -21.99
N PHE A 69 11.95 -17.02 -22.27
CA PHE A 69 12.74 -17.90 -21.41
C PHE A 69 14.21 -17.49 -21.46
N GLU A 70 14.76 -17.29 -22.67
CA GLU A 70 16.14 -16.88 -22.90
C GLU A 70 16.48 -15.57 -22.19
N SER A 71 15.59 -14.58 -22.26
CA SER A 71 15.77 -13.28 -21.62
C SER A 71 15.78 -13.41 -20.07
N MET A 72 14.79 -14.16 -19.52
CA MET A 72 14.69 -14.41 -18.09
C MET A 72 15.87 -15.22 -17.56
N GLN A 73 16.37 -16.15 -18.38
CA GLN A 73 17.53 -16.99 -18.08
C GLN A 73 18.81 -16.17 -18.05
N ARG A 74 18.96 -15.20 -18.98
CA ARG A 74 20.13 -14.32 -19.03
C ARG A 74 20.18 -13.47 -17.75
N LEU A 75 19.03 -12.95 -17.31
CA LEU A 75 18.92 -12.16 -16.08
C LEU A 75 19.35 -12.96 -14.85
N CYS A 76 18.83 -14.19 -14.72
CA CYS A 76 19.17 -15.10 -13.63
C CYS A 76 20.65 -15.46 -13.67
N ASP A 77 21.20 -15.74 -14.87
CA ASP A 77 22.61 -16.07 -15.04
C ASP A 77 23.50 -14.94 -14.53
N LYS A 78 23.20 -13.69 -14.94
CA LYS A 78 23.92 -12.47 -14.55
C LYS A 78 23.93 -12.26 -13.03
N TYR A 79 22.76 -12.44 -12.39
CA TYR A 79 22.66 -12.33 -10.94
C TYR A 79 23.50 -13.43 -10.25
N ASN A 80 23.39 -14.70 -10.72
CA ASN A 80 24.08 -15.86 -10.17
C ASN A 80 25.60 -15.72 -10.28
N ARG A 81 26.10 -15.17 -11.40
CA ARG A 81 27.53 -14.91 -11.58
C ARG A 81 27.98 -13.79 -10.63
N ALA A 82 27.12 -12.74 -10.43
CA ALA A 82 27.42 -11.64 -9.52
C ALA A 82 27.53 -12.17 -8.10
N ILE A 83 26.61 -13.09 -7.70
CA ILE A 83 26.60 -13.77 -6.39
C ILE A 83 27.90 -14.58 -6.21
N ASP A 84 28.31 -15.32 -7.25
CA ASP A 84 29.53 -16.13 -7.24
C ASP A 84 30.78 -15.26 -7.02
N SER A 85 30.83 -14.05 -7.64
CA SER A 85 31.93 -13.08 -7.50
C SER A 85 32.00 -12.54 -6.05
N ILE A 86 30.84 -12.22 -5.47
CA ILE A 86 30.72 -11.75 -4.09
C ILE A 86 31.15 -12.87 -3.12
N HIS A 87 30.77 -14.14 -3.41
CA HIS A 87 31.19 -15.30 -2.63
C HIS A 87 32.70 -15.49 -2.70
N GLN A 88 33.32 -15.16 -3.86
CA GLN A 88 34.78 -15.23 -4.02
C GLN A 88 35.45 -14.12 -3.18
N LEU A 89 34.90 -12.91 -3.26
CA LEU A 89 35.34 -11.71 -2.54
C LEU A 89 35.30 -11.96 -1.02
N TRP A 90 34.24 -12.63 -0.54
CA TRP A 90 34.08 -12.96 0.87
C TRP A 90 35.06 -14.02 1.36
N LYS A 91 35.58 -14.89 0.46
CA LYS A 91 36.59 -15.90 0.80
C LYS A 91 37.87 -15.14 1.15
N GLY A 92 38.34 -14.28 0.23
CA GLY A 92 39.52 -13.44 0.36
C GLY A 92 39.61 -12.59 1.62
N ASN A 100 22.55 -12.79 9.57
CA ASN A 100 21.44 -13.42 10.28
C ASN A 100 20.69 -12.40 11.15
N THR A 101 20.02 -11.43 10.51
CA THR A 101 19.24 -10.39 11.20
C THR A 101 17.77 -10.52 10.82
N ARG A 102 16.91 -9.75 11.49
CA ARG A 102 15.48 -9.68 11.18
C ARG A 102 15.38 -8.97 9.82
N PRO A 103 14.47 -9.39 8.92
CA PRO A 103 14.40 -8.71 7.62
C PRO A 103 13.91 -7.27 7.75
N SER A 104 14.33 -6.39 6.82
CA SER A 104 13.80 -5.03 6.78
C SER A 104 12.29 -5.17 6.47
N THR A 105 11.48 -4.17 6.82
CA THR A 105 10.02 -4.20 6.62
C THR A 105 9.67 -4.38 5.13
N GLY A 106 10.37 -3.67 4.24
CA GLY A 106 10.21 -3.79 2.79
C GLY A 106 10.51 -5.20 2.29
N LEU A 107 11.60 -5.81 2.79
CA LEU A 107 11.96 -7.18 2.43
C LEU A 107 10.92 -8.17 2.96
N LEU A 108 10.49 -7.98 4.22
CA LEU A 108 9.48 -8.82 4.84
C LEU A 108 8.16 -8.85 4.03
N ARG A 109 7.69 -7.69 3.54
CA ARG A 109 6.50 -7.61 2.71
C ARG A 109 6.65 -8.46 1.45
N HIS A 110 7.80 -8.33 0.78
CA HIS A 110 8.16 -9.15 -0.38
C HIS A 110 8.22 -10.66 -0.04
N ILE A 111 8.90 -11.03 1.07
CA ILE A 111 8.98 -12.44 1.50
C ILE A 111 7.58 -13.05 1.70
N LEU A 112 6.69 -12.33 2.41
CA LEU A 112 5.33 -12.76 2.69
C LEU A 112 4.53 -12.96 1.41
N GLN A 113 4.71 -12.07 0.42
CA GLN A 113 4.07 -12.16 -0.89
C GLN A 113 4.51 -13.44 -1.62
N GLN A 114 5.82 -13.67 -1.64
CA GLN A 114 6.51 -14.82 -2.25
C GLN A 114 5.97 -16.10 -1.59
N VAL A 115 5.95 -16.13 -0.26
CA VAL A 115 5.43 -17.24 0.54
C VAL A 115 3.96 -17.53 0.19
N TYR A 116 3.11 -16.49 0.08
CA TYR A 116 1.72 -16.66 -0.34
C TYR A 116 1.59 -17.24 -1.75
N ASN A 117 2.24 -16.62 -2.74
CA ASN A 117 2.17 -17.05 -4.15
C ASN A 117 2.62 -18.50 -4.37
N HIS A 118 3.64 -18.95 -3.62
CA HIS A 118 4.16 -20.33 -3.67
C HIS A 118 3.26 -21.31 -2.88
N SER A 119 2.37 -20.81 -1.99
CA SER A 119 1.50 -21.67 -1.19
C SER A 119 0.09 -21.84 -1.71
N VAL A 120 -0.53 -20.75 -2.19
CA VAL A 120 -1.91 -20.75 -2.67
C VAL A 120 -1.92 -20.72 -4.19
N THR A 121 -2.18 -21.88 -4.78
CA THR A 121 -2.20 -22.08 -6.22
C THR A 121 -3.62 -22.14 -6.80
N ASP A 122 -4.61 -22.55 -5.98
CA ASP A 122 -5.99 -22.69 -6.44
C ASP A 122 -6.91 -21.54 -6.02
N PRO A 123 -7.91 -21.33 -6.91
CA PRO A 123 -8.87 -20.22 -6.76
C PRO A 123 -9.86 -20.46 -5.64
N GLU A 130 -14.35 -11.39 2.70
CA GLU A 130 -14.08 -10.50 1.55
C GLU A 130 -13.18 -9.28 1.92
N PRO A 131 -13.32 -8.57 3.07
CA PRO A 131 -12.40 -7.46 3.34
C PRO A 131 -11.07 -8.00 3.88
N PHE A 132 -9.95 -7.36 3.48
CA PHE A 132 -8.59 -7.75 3.88
C PHE A 132 -8.32 -9.24 3.62
N SER A 133 -8.57 -9.62 2.37
CA SER A 133 -8.36 -10.92 1.76
C SER A 133 -6.85 -11.30 1.82
N PRO A 134 -6.49 -12.58 2.05
CA PRO A 134 -5.06 -12.98 2.09
C PRO A 134 -4.31 -12.68 0.78
N GLU A 135 -5.04 -12.75 -0.36
CA GLU A 135 -4.58 -12.46 -1.71
C GLU A 135 -3.99 -11.04 -1.83
N VAL A 136 -4.47 -10.06 -1.00
CA VAL A 136 -4.02 -8.67 -1.05
C VAL A 136 -3.40 -8.19 0.28
N TYR A 137 -2.87 -9.14 1.07
CA TYR A 137 -2.25 -8.90 2.37
C TYR A 137 -1.18 -7.81 2.31
N GLY A 138 -0.23 -7.97 1.39
CA GLY A 138 0.89 -7.06 1.17
C GLY A 138 0.45 -5.65 0.87
N GLU A 139 -0.67 -5.51 0.14
CA GLU A 139 -1.22 -4.22 -0.26
C GLU A 139 -2.17 -3.56 0.75
N THR A 140 -2.96 -4.34 1.52
CA THR A 140 -3.95 -3.69 2.40
C THR A 140 -3.83 -4.04 3.90
N SER A 141 -3.09 -5.10 4.25
CA SER A 141 -2.99 -5.50 5.65
C SER A 141 -1.63 -5.28 6.25
N PHE A 142 -0.57 -5.54 5.49
CA PHE A 142 0.82 -5.50 5.93
C PHE A 142 1.19 -4.25 6.72
N ASP A 143 0.89 -3.07 6.15
CA ASP A 143 1.25 -1.79 6.77
C ASP A 143 0.53 -1.55 8.09
N LEU A 144 -0.75 -1.96 8.17
CA LEU A 144 -1.51 -1.81 9.40
C LEU A 144 -0.91 -2.75 10.49
N VAL A 145 -0.64 -4.00 10.15
CA VAL A 145 0.01 -4.96 11.05
C VAL A 145 1.38 -4.43 11.54
N ALA A 146 2.17 -3.84 10.61
CA ALA A 146 3.49 -3.24 10.89
C ALA A 146 3.35 -2.08 11.93
N GLN A 147 2.29 -1.27 11.79
CA GLN A 147 1.95 -0.21 12.76
C GLN A 147 1.61 -0.77 14.13
N MET A 148 0.84 -1.85 14.16
CA MET A 148 0.43 -2.51 15.41
C MET A 148 1.65 -3.11 16.13
N ILE A 149 2.58 -3.72 15.37
CA ILE A 149 3.85 -4.25 15.89
C ILE A 149 4.67 -3.13 16.53
N ASP A 150 4.78 -1.96 15.86
CA ASP A 150 5.51 -0.78 16.37
C ASP A 150 4.93 -0.22 17.63
N GLU A 151 3.59 -0.25 17.74
CA GLU A 151 2.83 0.31 18.86
C GLU A 151 2.74 -0.62 20.08
N ILE A 152 2.44 -1.89 19.84
CA ILE A 152 2.31 -2.89 20.91
C ILE A 152 3.70 -3.44 21.19
N LYS A 153 4.41 -2.81 22.11
CA LYS A 153 5.79 -3.20 22.40
C LYS A 153 5.82 -4.60 23.03
N MET A 154 6.56 -5.51 22.39
CA MET A 154 6.66 -6.91 22.81
C MET A 154 8.08 -7.28 23.14
N THR A 155 8.27 -8.00 24.23
CA THR A 155 9.61 -8.41 24.70
C THR A 155 9.73 -9.93 24.66
N ASP A 156 10.92 -10.46 25.05
CA ASP A 156 11.20 -11.90 25.10
C ASP A 156 10.41 -12.65 26.19
N ASP A 157 9.71 -11.92 27.09
CA ASP A 157 8.83 -12.52 28.10
C ASP A 157 7.43 -12.78 27.52
N ASP A 158 7.08 -12.07 26.43
CA ASP A 158 5.75 -12.21 25.84
C ASP A 158 5.52 -13.51 25.07
N LEU A 159 4.27 -13.98 25.12
CA LEU A 159 3.75 -15.09 24.33
C LEU A 159 2.65 -14.46 23.50
N PHE A 160 2.76 -14.57 22.17
CA PHE A 160 1.82 -13.99 21.23
C PHE A 160 0.87 -15.05 20.65
N VAL A 161 -0.42 -14.71 20.54
CA VAL A 161 -1.41 -15.61 19.93
C VAL A 161 -2.30 -14.81 18.96
N ASP A 162 -2.44 -15.29 17.72
CA ASP A 162 -3.39 -14.72 16.76
C ASP A 162 -4.57 -15.68 16.73
N LEU A 163 -5.75 -15.25 17.24
CA LEU A 163 -6.96 -16.11 17.31
C LEU A 163 -7.76 -16.06 16.02
N GLY A 164 -7.74 -17.16 15.26
CA GLY A 164 -8.37 -17.24 13.94
C GLY A 164 -7.35 -16.68 12.99
N SER A 165 -6.20 -17.36 12.90
CA SER A 165 -5.05 -16.89 12.16
C SER A 165 -5.08 -17.11 10.64
N GLY A 166 -6.10 -17.78 10.12
CA GLY A 166 -6.25 -18.02 8.70
C GLY A 166 -5.12 -18.82 8.09
N VAL A 167 -4.50 -18.26 7.01
CA VAL A 167 -3.36 -18.87 6.30
C VAL A 167 -2.03 -18.56 7.03
N GLY A 168 -2.10 -17.74 8.08
CA GLY A 168 -0.98 -17.45 8.97
C GLY A 168 -0.09 -16.26 8.73
N GLN A 169 -0.50 -15.36 7.83
CA GLN A 169 0.26 -14.14 7.46
C GLN A 169 0.56 -13.21 8.64
N VAL A 170 -0.39 -12.97 9.52
CA VAL A 170 -0.16 -12.07 10.64
C VAL A 170 0.89 -12.67 11.57
N VAL A 171 0.79 -13.97 11.87
CA VAL A 171 1.77 -14.67 12.72
C VAL A 171 3.19 -14.58 12.13
N LEU A 172 3.32 -14.81 10.81
CA LEU A 172 4.62 -14.78 10.14
C LEU A 172 5.23 -13.38 10.21
N GLN A 173 4.39 -12.33 9.99
CA GLN A 173 4.84 -10.94 10.07
C GLN A 173 5.32 -10.60 11.49
N VAL A 174 4.51 -10.91 12.52
CA VAL A 174 4.89 -10.68 13.92
C VAL A 174 6.17 -11.49 14.30
N ALA A 175 6.23 -12.79 13.93
CA ALA A 175 7.42 -13.64 14.23
C ALA A 175 8.70 -13.10 13.59
N ALA A 176 8.61 -12.54 12.38
CA ALA A 176 9.77 -11.96 11.70
C ALA A 176 10.14 -10.61 12.27
N ALA A 177 9.26 -10.00 13.08
CA ALA A 177 9.52 -8.65 13.58
C ALA A 177 9.82 -8.52 15.06
N THR A 178 9.29 -9.41 15.91
CA THR A 178 9.49 -9.28 17.36
C THR A 178 10.36 -10.37 17.97
N ASN A 179 10.72 -10.20 19.25
CA ASN A 179 11.46 -11.22 20.00
C ASN A 179 10.58 -11.96 21.05
N CYS A 180 9.25 -12.15 20.83
CA CYS A 180 8.40 -12.93 21.75
C CYS A 180 8.99 -14.31 21.91
N LYS A 181 8.82 -14.90 23.12
CA LYS A 181 9.25 -16.25 23.44
C LYS A 181 8.69 -17.24 22.38
N HIS A 182 7.41 -17.08 22.00
CA HIS A 182 6.74 -17.90 20.99
C HIS A 182 5.54 -17.17 20.41
N HIS A 183 5.22 -17.46 19.14
CA HIS A 183 4.08 -16.88 18.44
C HIS A 183 3.21 -18.01 17.99
N TYR A 184 1.91 -17.92 18.26
CA TYR A 184 0.99 -18.98 17.86
C TYR A 184 -0.09 -18.44 16.99
N GLY A 185 -0.50 -19.25 16.03
CA GLY A 185 -1.64 -19.02 15.18
C GLY A 185 -2.59 -20.21 15.29
N VAL A 186 -3.85 -19.97 15.70
CA VAL A 186 -4.84 -21.03 15.81
C VAL A 186 -5.99 -20.74 14.83
N GLU A 187 -6.24 -21.70 13.93
CA GLU A 187 -7.27 -21.63 12.90
C GLU A 187 -8.12 -22.90 12.89
N LYS A 188 -9.45 -22.75 12.95
CA LYS A 188 -10.42 -23.84 13.00
C LYS A 188 -10.80 -24.38 11.62
N ALA A 189 -10.95 -23.50 10.60
CA ALA A 189 -11.36 -23.90 9.24
C ALA A 189 -10.33 -24.73 8.49
N ASP A 190 -10.80 -25.83 7.86
CA ASP A 190 -10.00 -26.83 7.14
C ASP A 190 -9.09 -26.24 6.06
N ILE A 191 -9.66 -25.49 5.08
CA ILE A 191 -8.93 -24.88 3.96
C ILE A 191 -7.81 -23.93 4.45
N PRO A 192 -8.06 -22.86 5.28
CA PRO A 192 -6.96 -22.00 5.73
C PRO A 192 -5.88 -22.72 6.52
N ALA A 193 -6.27 -23.59 7.47
CA ALA A 193 -5.34 -24.37 8.30
C ALA A 193 -4.41 -25.27 7.46
N LYS A 194 -4.93 -25.86 6.36
CA LYS A 194 -4.14 -26.68 5.45
C LYS A 194 -3.15 -25.83 4.67
N TYR A 195 -3.61 -24.67 4.15
CA TYR A 195 -2.73 -23.73 3.44
C TYR A 195 -1.63 -23.19 4.38
N ALA A 196 -1.96 -22.94 5.68
CA ALA A 196 -0.99 -22.48 6.68
C ALA A 196 0.18 -23.45 6.86
N GLU A 197 -0.03 -24.76 6.62
CA GLU A 197 1.01 -25.79 6.68
C GLU A 197 2.07 -25.54 5.60
N THR A 198 1.62 -25.19 4.38
CA THR A 198 2.48 -24.86 3.25
C THR A 198 3.16 -23.51 3.49
N MET A 199 2.40 -22.50 3.99
CA MET A 199 2.90 -21.15 4.30
C MET A 199 4.06 -21.24 5.28
N ASP A 200 3.89 -22.07 6.32
CA ASP A 200 4.89 -22.35 7.34
C ASP A 200 6.22 -22.88 6.70
N ARG A 201 6.13 -23.92 5.85
CA ARG A 201 7.29 -24.52 5.17
C ARG A 201 7.97 -23.53 4.22
N GLU A 202 7.16 -22.85 3.40
CA GLU A 202 7.63 -21.86 2.44
C GLU A 202 8.32 -20.65 3.14
N PHE A 203 7.78 -20.22 4.30
CA PHE A 203 8.35 -19.11 5.07
C PHE A 203 9.74 -19.47 5.59
N ARG A 204 9.85 -20.63 6.27
CA ARG A 204 11.11 -21.12 6.81
C ARG A 204 12.15 -21.27 5.70
N LYS A 205 11.73 -21.79 4.52
CA LYS A 205 12.60 -21.98 3.35
C LYS A 205 13.10 -20.63 2.79
N TRP A 206 12.18 -19.69 2.51
CA TRP A 206 12.57 -18.40 1.96
C TRP A 206 13.40 -17.58 2.94
N MET A 207 13.09 -17.63 4.25
CA MET A 207 13.88 -16.92 5.26
C MET A 207 15.32 -17.41 5.31
N LYS A 208 15.51 -18.74 5.19
CA LYS A 208 16.83 -19.37 5.12
C LYS A 208 17.57 -18.89 3.85
N TRP A 209 16.86 -18.83 2.70
CA TRP A 209 17.40 -18.41 1.40
C TRP A 209 18.01 -16.99 1.45
N TYR A 210 17.33 -16.05 2.10
CA TYR A 210 17.80 -14.68 2.26
C TYR A 210 18.80 -14.57 3.45
N GLY A 211 18.82 -15.58 4.32
CA GLY A 211 19.63 -15.62 5.54
C GLY A 211 19.04 -14.76 6.63
N LYS A 212 17.72 -14.70 6.70
CA LYS A 212 17.03 -13.87 7.67
C LYS A 212 16.52 -14.62 8.88
N LYS A 213 16.57 -13.94 10.02
CA LYS A 213 16.16 -14.46 11.32
C LYS A 213 14.68 -14.17 11.62
N HIS A 214 14.01 -15.13 12.27
CA HIS A 214 12.63 -14.98 12.75
C HIS A 214 12.55 -15.67 14.09
N ALA A 215 11.63 -15.21 14.93
CA ALA A 215 11.38 -15.79 16.23
C ALA A 215 10.65 -17.16 16.05
N GLU A 216 10.53 -17.93 17.12
CA GLU A 216 9.80 -19.19 17.06
C GLU A 216 8.31 -18.96 16.96
N TYR A 217 7.65 -19.77 16.14
CA TYR A 217 6.22 -19.69 15.95
C TYR A 217 5.66 -21.05 15.64
N THR A 218 4.34 -21.20 15.78
CA THR A 218 3.62 -22.42 15.45
C THR A 218 2.28 -22.01 14.88
N LEU A 219 1.94 -22.59 13.73
CA LEU A 219 0.64 -22.47 13.08
C LEU A 219 -0.06 -23.81 13.36
N GLU A 220 -1.20 -23.77 14.06
CA GLU A 220 -1.92 -24.99 14.40
C GLU A 220 -3.41 -24.94 14.13
N ARG A 221 -3.98 -26.11 13.85
CA ARG A 221 -5.40 -26.27 13.60
C ARG A 221 -6.04 -26.50 14.97
N GLY A 222 -7.16 -25.84 15.22
CA GLY A 222 -7.88 -26.00 16.48
C GLY A 222 -8.98 -24.99 16.69
N ASP A 223 -9.80 -25.19 17.74
CA ASP A 223 -10.89 -24.29 18.11
C ASP A 223 -10.40 -23.47 19.31
N PHE A 224 -10.25 -22.15 19.16
CA PHE A 224 -9.79 -21.33 20.28
C PHE A 224 -10.83 -21.25 21.43
N LEU A 225 -12.05 -21.80 21.21
CA LEU A 225 -13.09 -21.84 22.25
C LEU A 225 -13.11 -23.18 22.99
N SER A 226 -12.16 -24.08 22.67
CA SER A 226 -12.06 -25.42 23.30
C SER A 226 -11.49 -25.36 24.72
N GLU A 227 -11.64 -26.44 25.49
CA GLU A 227 -11.13 -26.58 26.87
C GLU A 227 -9.63 -26.43 26.95
N GLU A 228 -8.91 -27.04 26.01
CA GLU A 228 -7.46 -26.95 25.89
C GLU A 228 -7.06 -25.46 25.78
N TRP A 229 -7.75 -24.72 24.90
CA TRP A 229 -7.46 -23.32 24.61
C TRP A 229 -7.83 -22.33 25.73
N ARG A 230 -8.63 -22.75 26.75
CA ARG A 230 -8.99 -21.92 27.91
C ARG A 230 -7.76 -21.49 28.73
N GLU A 231 -6.91 -22.46 29.07
CA GLU A 231 -5.69 -22.24 29.85
C GLU A 231 -4.64 -21.57 29.00
N ARG A 232 -4.61 -21.91 27.70
CA ARG A 232 -3.70 -21.30 26.73
C ARG A 232 -3.97 -19.81 26.61
N ILE A 233 -5.24 -19.39 26.55
CA ILE A 233 -5.63 -17.97 26.50
C ILE A 233 -5.25 -17.24 27.83
N ALA A 234 -5.51 -17.92 28.96
CA ALA A 234 -5.22 -17.40 30.29
C ALA A 234 -3.72 -17.12 30.47
N ASN A 235 -2.86 -17.93 29.83
CA ASN A 235 -1.41 -17.81 29.94
C ASN A 235 -0.76 -17.00 28.83
N THR A 236 -1.56 -16.43 27.91
CA THR A 236 -1.03 -15.59 26.81
C THR A 236 -0.92 -14.14 27.28
N SER A 237 0.22 -13.48 27.02
CA SER A 237 0.35 -12.08 27.40
C SER A 237 -0.14 -11.11 26.30
N VAL A 238 -0.01 -11.51 25.03
CA VAL A 238 -0.48 -10.67 23.92
C VAL A 238 -1.38 -11.46 22.96
N ILE A 239 -2.68 -11.13 22.92
CA ILE A 239 -3.62 -11.74 21.99
C ILE A 239 -3.96 -10.71 20.91
N PHE A 240 -3.94 -11.16 19.65
CA PHE A 240 -4.42 -10.41 18.51
C PHE A 240 -5.63 -11.20 18.05
N VAL A 241 -6.73 -10.50 17.77
CA VAL A 241 -7.93 -11.20 17.35
C VAL A 241 -8.73 -10.33 16.36
N ASN A 242 -8.88 -10.80 15.13
CA ASN A 242 -9.71 -10.08 14.19
C ASN A 242 -11.14 -10.57 14.44
N ASN A 243 -11.85 -9.87 15.32
CA ASN A 243 -13.22 -10.21 15.75
C ASN A 243 -14.30 -9.51 14.93
N PHE A 244 -13.93 -8.81 13.85
CA PHE A 244 -14.86 -8.05 13.01
C PHE A 244 -16.09 -8.85 12.56
N ALA A 245 -15.90 -10.09 12.11
CA ALA A 245 -16.96 -10.99 11.63
C ALA A 245 -17.50 -11.95 12.71
N PHE A 246 -17.16 -11.74 14.00
CA PHE A 246 -17.63 -12.64 15.06
C PHE A 246 -19.08 -12.39 15.45
N GLY A 247 -19.81 -13.49 15.68
CA GLY A 247 -21.18 -13.43 16.15
C GLY A 247 -21.24 -13.10 17.64
N PRO A 248 -22.44 -12.79 18.19
CA PRO A 248 -22.52 -12.45 19.62
C PRO A 248 -22.15 -13.58 20.58
N GLU A 249 -22.35 -14.85 20.18
CA GLU A 249 -22.02 -16.02 21.01
C GLU A 249 -20.53 -16.25 21.08
N VAL A 250 -19.83 -16.10 19.94
CA VAL A 250 -18.37 -16.23 19.88
C VAL A 250 -17.77 -15.10 20.72
N ASP A 251 -18.28 -13.88 20.55
CA ASP A 251 -17.87 -12.69 21.30
C ASP A 251 -18.07 -12.91 22.82
N HIS A 252 -19.25 -13.44 23.23
CA HIS A 252 -19.58 -13.73 24.62
C HIS A 252 -18.64 -14.78 25.20
N GLN A 253 -18.39 -15.88 24.48
CA GLN A 253 -17.46 -16.94 24.92
C GLN A 253 -16.00 -16.45 25.04
N LEU A 254 -15.59 -15.54 24.15
CA LEU A 254 -14.25 -14.98 24.14
C LEU A 254 -13.98 -14.08 25.34
N LYS A 255 -14.97 -13.24 25.73
CA LYS A 255 -14.91 -12.37 26.92
C LYS A 255 -14.72 -13.24 28.17
N GLU A 256 -15.31 -14.43 28.19
CA GLU A 256 -15.21 -15.40 29.28
C GLU A 256 -13.77 -15.95 29.35
N ARG A 257 -13.12 -16.17 28.19
CA ARG A 257 -11.73 -16.64 28.10
C ARG A 257 -10.78 -15.53 28.59
N PHE A 258 -11.02 -14.29 28.15
CA PHE A 258 -10.25 -13.12 28.54
C PHE A 258 -10.29 -12.82 30.02
N ALA A 259 -11.41 -13.18 30.70
CA ALA A 259 -11.62 -12.99 32.13
C ALA A 259 -10.67 -13.81 33.00
N ASN A 260 -9.97 -14.82 32.41
CA ASN A 260 -8.98 -15.66 33.09
C ASN A 260 -7.52 -15.19 32.86
N MET A 261 -7.33 -14.15 32.04
CA MET A 261 -5.98 -13.62 31.76
C MET A 261 -5.37 -12.88 32.96
N LYS A 262 -4.03 -12.78 32.95
CA LYS A 262 -3.24 -12.15 34.01
C LYS A 262 -3.32 -10.63 33.87
N GLU A 263 -3.11 -9.90 35.00
CA GLU A 263 -3.04 -8.44 35.02
C GLU A 263 -2.00 -8.01 34.01
N GLY A 264 -2.34 -7.02 33.18
CA GLY A 264 -1.43 -6.50 32.16
C GLY A 264 -1.45 -7.27 30.86
N GLY A 265 -2.26 -8.32 30.79
CA GLY A 265 -2.45 -9.10 29.58
C GLY A 265 -3.10 -8.18 28.57
N ARG A 266 -2.69 -8.28 27.29
CA ARG A 266 -3.20 -7.39 26.27
C ARG A 266 -3.93 -8.08 25.17
N ILE A 267 -5.00 -7.43 24.67
CA ILE A 267 -5.81 -7.92 23.59
C ILE A 267 -5.96 -6.81 22.55
N VAL A 268 -5.47 -7.09 21.34
CA VAL A 268 -5.55 -6.17 20.22
C VAL A 268 -6.56 -6.76 19.23
N SER A 269 -7.61 -6.00 18.94
CA SER A 269 -8.71 -6.47 18.10
C SER A 269 -9.17 -5.43 17.06
N SER A 270 -9.99 -5.86 16.10
CA SER A 270 -10.51 -5.00 15.03
C SER A 270 -11.83 -4.29 15.44
N LYS A 271 -12.55 -4.86 16.41
CA LYS A 271 -13.74 -4.29 17.06
C LYS A 271 -13.49 -4.32 18.58
N PRO A 272 -13.81 -3.24 19.33
CA PRO A 272 -13.63 -3.29 20.80
C PRO A 272 -14.53 -4.33 21.50
N PHE A 273 -14.02 -4.95 22.59
CA PHE A 273 -14.78 -5.91 23.40
C PHE A 273 -15.61 -5.24 24.50
N ALA A 274 -15.27 -3.99 24.82
CA ALA A 274 -15.96 -3.21 25.84
C ALA A 274 -16.08 -1.77 25.34
N PRO A 275 -17.05 -0.97 25.83
CA PRO A 275 -17.13 0.45 25.40
C PRO A 275 -15.84 1.17 25.77
N LEU A 276 -15.46 2.18 24.98
CA LEU A 276 -14.22 2.93 25.18
C LEU A 276 -14.30 3.83 26.42
N ASN A 277 -15.53 4.17 26.80
CA ASN A 277 -15.98 5.04 27.88
C ASN A 277 -16.73 4.30 29.00
N PHE A 278 -16.43 3.00 29.23
CA PHE A 278 -17.10 2.22 30.28
C PHE A 278 -17.04 2.87 31.67
N ARG A 279 -18.21 3.01 32.30
CA ARG A 279 -18.34 3.56 33.65
C ARG A 279 -18.96 2.49 34.53
N ILE A 280 -18.14 1.91 35.42
CA ILE A 280 -18.57 0.86 36.35
C ILE A 280 -19.66 1.38 37.29
N ASN A 281 -20.75 0.62 37.41
CA ASN A 281 -21.89 0.89 38.27
C ASN A 281 -22.50 -0.42 38.75
N SER A 282 -23.56 -0.35 39.58
CA SER A 282 -24.23 -1.52 40.16
C SER A 282 -24.94 -2.42 39.15
N ARG A 283 -25.30 -1.88 37.99
CA ARG A 283 -26.04 -2.61 36.95
C ARG A 283 -25.17 -3.34 35.92
N ASN A 284 -23.87 -2.99 35.82
CA ASN A 284 -22.99 -3.57 34.80
C ASN A 284 -21.76 -4.32 35.37
N LEU A 285 -21.85 -4.83 36.62
CA LEU A 285 -20.73 -5.51 37.27
C LEU A 285 -20.22 -6.80 36.61
N SER A 286 -21.07 -7.45 35.79
CA SER A 286 -20.73 -8.68 35.09
C SER A 286 -20.06 -8.44 33.74
N ASP A 287 -20.06 -7.19 33.25
CA ASP A 287 -19.43 -6.80 31.98
C ASP A 287 -17.91 -6.87 32.02
N ILE A 288 -17.30 -7.30 30.89
CA ILE A 288 -15.85 -7.41 30.74
C ILE A 288 -15.12 -6.04 31.00
N GLY A 289 -15.83 -4.93 30.79
CA GLY A 289 -15.34 -3.57 31.02
C GLY A 289 -14.90 -3.30 32.46
N THR A 290 -15.38 -4.10 33.40
CA THR A 290 -15.00 -3.99 34.82
C THR A 290 -13.55 -4.46 35.08
N ILE A 291 -12.94 -5.21 34.14
CA ILE A 291 -11.59 -5.75 34.37
C ILE A 291 -10.60 -5.44 33.25
N MET A 292 -10.96 -4.53 32.34
CA MET A 292 -10.04 -4.16 31.29
C MET A 292 -10.17 -2.74 30.84
N ARG A 293 -9.02 -2.08 30.60
CA ARG A 293 -8.92 -0.76 30.00
C ARG A 293 -9.05 -0.98 28.50
N VAL A 294 -9.65 -0.02 27.79
CA VAL A 294 -9.83 -0.09 26.33
C VAL A 294 -9.46 1.24 25.74
N VAL A 295 -8.58 1.24 24.71
CA VAL A 295 -8.17 2.44 24.01
C VAL A 295 -8.27 2.19 22.50
N GLU A 296 -8.64 3.22 21.76
CA GLU A 296 -8.72 3.18 20.31
C GLU A 296 -7.43 3.80 19.79
N LEU A 297 -6.72 3.00 19.01
CA LEU A 297 -5.46 3.41 18.41
C LEU A 297 -5.64 3.50 16.91
N SER A 298 -4.95 4.45 16.30
CA SER A 298 -5.07 4.65 14.87
C SER A 298 -3.75 5.08 14.28
N PRO A 299 -3.35 4.50 13.15
CA PRO A 299 -2.12 4.97 12.48
C PRO A 299 -2.18 6.45 12.10
N LEU A 300 -3.39 7.00 11.87
CA LEU A 300 -3.60 8.40 11.55
C LEU A 300 -3.24 9.40 12.65
N LYS A 301 -3.24 8.96 13.93
CA LYS A 301 -2.91 9.79 15.11
C LYS A 301 -1.39 9.85 15.31
N SER A 305 3.59 9.48 9.56
CA SER A 305 3.16 9.89 8.22
C SER A 305 2.29 8.80 7.52
N TRP A 306 1.13 8.42 8.14
CA TRP A 306 0.19 7.42 7.57
C TRP A 306 -0.58 8.00 6.39
N THR A 307 -0.75 7.20 5.34
CA THR A 307 -1.48 7.59 4.15
C THR A 307 -2.33 6.42 3.64
N GLY A 308 -2.43 5.31 4.38
CA GLY A 308 -3.31 4.18 4.02
C GLY A 308 -4.77 4.37 4.49
N LYS A 309 -5.55 3.29 4.60
CA LYS A 309 -6.97 3.30 5.08
C LYS A 309 -7.17 3.93 6.49
N PRO A 310 -8.29 4.65 6.77
CA PRO A 310 -8.50 5.20 8.13
C PRO A 310 -9.09 4.11 9.05
N VAL A 311 -8.30 3.10 9.35
CA VAL A 311 -8.73 1.96 10.14
C VAL A 311 -8.08 1.99 11.53
N SER A 312 -8.88 1.67 12.56
CA SER A 312 -8.50 1.67 13.95
C SER A 312 -8.31 0.26 14.47
N TYR A 313 -7.54 0.13 15.54
CA TYR A 313 -7.38 -1.14 16.26
C TYR A 313 -7.62 -0.83 17.73
N TYR A 314 -8.03 -1.84 18.48
CA TYR A 314 -8.44 -1.64 19.87
C TYR A 314 -7.57 -2.41 20.82
N LEU A 315 -6.93 -1.67 21.75
CA LEU A 315 -6.07 -2.26 22.76
C LEU A 315 -6.80 -2.35 24.10
N HIS A 316 -6.96 -3.59 24.58
CA HIS A 316 -7.58 -3.91 25.86
C HIS A 316 -6.47 -4.40 26.78
N THR A 317 -6.41 -3.86 28.00
CA THR A 317 -5.43 -4.27 28.99
C THR A 317 -6.16 -4.74 30.21
N ILE A 318 -5.83 -5.97 30.66
CA ILE A 318 -6.38 -6.57 31.86
C ILE A 318 -5.93 -5.72 33.06
N ASP A 319 -6.90 -5.19 33.76
CA ASP A 319 -6.70 -4.38 34.95
C ASP A 319 -7.88 -4.56 35.92
N ARG A 320 -7.71 -5.45 36.91
CA ARG A 320 -8.74 -5.73 37.91
C ARG A 320 -8.84 -4.66 38.98
N THR A 321 -7.99 -3.62 38.95
CA THR A 321 -8.09 -2.48 39.87
C THR A 321 -9.35 -1.68 39.57
N ILE A 322 -9.88 -1.77 38.32
CA ILE A 322 -11.16 -1.12 37.95
C ILE A 322 -12.27 -1.64 38.87
N LEU A 323 -12.35 -2.98 39.00
CA LEU A 323 -13.31 -3.65 39.84
C LEU A 323 -13.03 -3.42 41.31
N GLU A 324 -11.76 -3.51 41.71
CA GLU A 324 -11.27 -3.32 43.08
C GLU A 324 -11.65 -1.95 43.65
N ASN A 325 -11.38 -0.86 42.89
CA ASN A 325 -11.66 0.53 43.29
C ASN A 325 -13.14 0.78 43.47
N TYR A 326 -13.99 0.14 42.62
CA TYR A 326 -15.45 0.23 42.73
C TYR A 326 -15.88 -0.36 44.07
N PHE A 327 -15.34 -1.53 44.47
CA PHE A 327 -15.70 -2.17 45.74
C PHE A 327 -15.22 -1.37 46.94
N SER A 328 -13.98 -0.87 46.88
CA SER A 328 -13.34 -0.05 47.90
C SER A 328 -14.14 1.22 48.10
N SER A 329 -14.60 1.84 46.99
CA SER A 329 -15.44 3.03 47.02
C SER A 329 -16.74 2.80 47.82
N LEU A 330 -17.39 1.62 47.63
CA LEU A 330 -18.61 1.21 48.32
C LEU A 330 -18.37 0.97 49.83
N LYS A 331 -17.25 0.31 50.17
CA LYS A 331 -16.88 -0.02 51.55
C LYS A 331 -16.35 1.19 52.34
N ASN A 332 -15.68 2.16 51.66
CA ASN A 332 -15.15 3.38 52.28
C ASN A 332 -16.10 4.57 52.08
N LYS B 5 -35.69 6.56 -2.43
CA LYS B 5 -36.07 5.78 -1.23
C LYS B 5 -35.02 4.71 -0.91
N LEU B 6 -34.80 3.81 -1.90
CA LEU B 6 -33.85 2.72 -1.83
C LEU B 6 -32.45 3.29 -2.11
N GLU B 7 -31.97 4.15 -1.22
CA GLU B 7 -30.68 4.81 -1.39
C GLU B 7 -30.07 5.26 -0.07
N LEU B 8 -28.78 5.58 -0.14
CA LEU B 8 -27.99 6.12 0.97
C LEU B 8 -27.43 7.46 0.52
N ARG B 9 -27.46 8.45 1.43
CA ARG B 9 -27.00 9.82 1.13
C ARG B 9 -26.02 10.30 2.14
N LEU B 10 -24.90 10.89 1.64
CA LEU B 10 -23.86 11.50 2.47
C LEU B 10 -23.82 13.00 2.18
N LYS B 11 -24.08 13.81 3.20
CA LYS B 11 -24.00 15.26 3.08
C LYS B 11 -22.55 15.69 2.97
N SER B 12 -22.29 16.66 2.13
CA SER B 12 -20.97 17.24 1.94
C SER B 12 -20.59 18.10 3.17
N PRO B 13 -19.33 17.99 3.67
CA PRO B 13 -18.90 18.88 4.77
C PRO B 13 -18.90 20.38 4.39
N VAL B 14 -18.93 20.71 3.09
CA VAL B 14 -18.90 22.12 2.64
C VAL B 14 -20.19 22.57 1.91
N GLY B 15 -21.28 21.84 2.07
CA GLY B 15 -22.57 22.21 1.48
C GLY B 15 -22.71 22.01 -0.03
N ALA B 16 -21.83 21.16 -0.63
CA ALA B 16 -21.97 20.81 -2.06
C ALA B 16 -23.17 19.80 -2.13
N GLU B 17 -23.60 19.38 -3.34
CA GLU B 17 -24.72 18.44 -3.40
C GLU B 17 -24.40 17.09 -2.72
N PRO B 18 -25.34 16.40 -2.07
CA PRO B 18 -24.98 15.14 -1.40
C PRO B 18 -24.50 14.03 -2.33
N ALA B 19 -23.64 13.14 -1.82
CA ALA B 19 -23.23 11.92 -2.53
C ALA B 19 -24.41 10.93 -2.33
N VAL B 20 -24.95 10.43 -3.44
CA VAL B 20 -26.11 9.52 -3.45
C VAL B 20 -25.71 8.13 -3.98
N TYR B 21 -25.96 7.10 -3.16
CA TYR B 21 -25.65 5.72 -3.51
C TYR B 21 -26.92 4.90 -3.56
N PRO B 22 -27.15 4.13 -4.63
CA PRO B 22 -28.34 3.27 -4.66
C PRO B 22 -28.17 2.04 -3.73
N TRP B 23 -29.28 1.45 -3.28
CA TRP B 23 -29.23 0.22 -2.51
C TRP B 23 -29.98 -0.86 -3.35
N PRO B 24 -29.44 -2.10 -3.50
CA PRO B 24 -28.16 -2.58 -2.97
C PRO B 24 -26.97 -1.81 -3.51
N LEU B 25 -25.93 -1.67 -2.68
CA LEU B 25 -24.71 -0.92 -3.05
C LEU B 25 -23.91 -1.60 -4.15
N PRO B 26 -23.37 -0.87 -5.15
CA PRO B 26 -22.56 -1.54 -6.19
C PRO B 26 -21.25 -2.17 -5.69
N VAL B 27 -20.87 -3.28 -6.28
CA VAL B 27 -19.59 -3.93 -5.97
C VAL B 27 -18.64 -3.49 -7.08
N TYR B 28 -17.55 -2.85 -6.71
CA TYR B 28 -16.62 -2.32 -7.70
C TYR B 28 -15.74 -3.37 -8.36
N ASP B 29 -14.98 -4.08 -7.54
CA ASP B 29 -14.11 -5.16 -7.95
C ASP B 29 -14.00 -6.05 -6.74
N LYS B 30 -13.25 -7.15 -6.85
CA LYS B 30 -13.08 -8.15 -5.78
C LYS B 30 -12.62 -7.54 -4.42
N HIS B 31 -11.81 -6.45 -4.43
CA HIS B 31 -11.29 -5.89 -3.18
C HIS B 31 -11.76 -4.43 -2.85
N HIS B 32 -12.80 -3.93 -3.53
CA HIS B 32 -13.37 -2.61 -3.28
C HIS B 32 -14.90 -2.66 -3.45
N ASP B 33 -15.67 -2.17 -2.44
CA ASP B 33 -17.14 -2.07 -2.53
C ASP B 33 -17.61 -0.69 -2.02
N ALA B 34 -18.81 -0.25 -2.45
CA ALA B 34 -19.40 1.02 -2.08
C ALA B 34 -19.59 1.19 -0.56
N ALA B 35 -19.93 0.10 0.17
CA ALA B 35 -20.15 0.16 1.63
C ALA B 35 -18.92 0.68 2.36
N HIS B 36 -17.75 0.14 2.04
CA HIS B 36 -16.49 0.49 2.66
C HIS B 36 -16.06 1.85 2.23
N GLU B 37 -16.41 2.25 0.97
CA GLU B 37 -16.16 3.60 0.46
C GLU B 37 -16.96 4.63 1.33
N ILE B 38 -18.24 4.31 1.68
CA ILE B 38 -19.08 5.15 2.53
C ILE B 38 -18.48 5.32 3.92
N ILE B 39 -18.15 4.20 4.56
CA ILE B 39 -17.57 4.17 5.89
C ILE B 39 -16.25 4.97 5.94
N GLU B 40 -15.39 4.79 4.95
CA GLU B 40 -14.09 5.46 4.84
C GLU B 40 -14.24 6.93 4.56
N THR B 41 -15.19 7.30 3.69
CA THR B 41 -15.53 8.71 3.41
C THR B 41 -15.87 9.43 4.74
N ILE B 42 -16.75 8.82 5.59
CA ILE B 42 -17.14 9.36 6.91
C ILE B 42 -15.92 9.52 7.81
N ARG B 43 -15.07 8.46 7.88
CA ARG B 43 -13.86 8.50 8.71
C ARG B 43 -12.89 9.61 8.28
N TRP B 44 -12.74 9.83 6.96
CA TRP B 44 -11.89 10.90 6.42
C TRP B 44 -12.45 12.28 6.74
N VAL B 45 -13.77 12.49 6.57
CA VAL B 45 -14.41 13.76 6.91
C VAL B 45 -14.22 14.04 8.43
N CYS B 46 -14.33 13.00 9.29
CA CYS B 46 -14.09 13.17 10.72
C CYS B 46 -12.68 13.62 11.06
N GLU B 47 -11.69 13.19 10.28
CA GLU B 47 -10.29 13.60 10.42
C GLU B 47 -10.10 15.05 10.02
N GLU B 48 -10.74 15.46 8.92
CA GLU B 48 -10.74 16.81 8.38
C GLU B 48 -11.37 17.79 9.37
N ILE B 49 -12.45 17.36 10.05
CA ILE B 49 -13.18 18.24 10.95
C ILE B 49 -13.20 17.65 12.38
N PRO B 50 -12.26 18.07 13.25
CA PRO B 50 -12.27 17.59 14.65
C PRO B 50 -13.60 17.69 15.42
N ASP B 51 -14.40 18.76 15.18
CA ASP B 51 -15.71 18.94 15.85
C ASP B 51 -16.73 17.83 15.51
N LEU B 52 -16.64 17.31 14.28
CA LEU B 52 -17.47 16.22 13.76
C LEU B 52 -17.37 14.93 14.59
N LYS B 53 -16.12 14.57 15.04
CA LYS B 53 -15.87 13.43 15.92
C LYS B 53 -16.62 13.61 17.23
N LEU B 54 -16.58 14.86 17.79
CA LEU B 54 -17.28 15.22 19.04
C LEU B 54 -18.79 15.16 18.89
N ALA B 55 -19.31 15.53 17.70
CA ALA B 55 -20.75 15.56 17.44
C ALA B 55 -21.28 14.14 17.27
N MET B 56 -20.43 13.24 16.76
CA MET B 56 -20.79 11.86 16.48
C MET B 56 -20.58 10.91 17.64
N GLU B 57 -21.61 10.08 17.93
CA GLU B 57 -21.55 9.04 18.95
C GLU B 57 -20.60 7.93 18.44
N ASN B 58 -19.70 7.47 19.34
CA ASN B 58 -18.63 6.48 19.10
C ASN B 58 -19.06 5.18 18.40
N TYR B 59 -20.18 4.58 18.85
CA TYR B 59 -20.71 3.30 18.35
C TYR B 59 -21.04 3.26 16.84
N VAL B 60 -21.40 4.44 16.26
CA VAL B 60 -21.85 4.57 14.86
C VAL B 60 -20.85 3.95 13.86
N LEU B 61 -19.57 4.37 13.93
CA LEU B 61 -18.49 3.87 13.05
C LEU B 61 -17.89 2.54 13.52
N ILE B 62 -18.33 2.01 14.68
CA ILE B 62 -17.84 0.71 15.17
C ILE B 62 -18.76 -0.47 14.72
N ASP B 63 -20.00 -0.48 15.20
CA ASP B 63 -20.94 -1.57 14.98
C ASP B 63 -21.95 -1.32 13.82
N TYR B 64 -21.44 -1.15 12.60
CA TYR B 64 -22.28 -1.03 11.42
C TYR B 64 -22.29 -2.45 10.78
N ASP B 65 -23.37 -2.78 10.08
CA ASP B 65 -23.54 -4.02 9.33
C ASP B 65 -23.75 -3.61 7.85
N THR B 66 -22.70 -3.78 7.03
CA THR B 66 -22.68 -3.44 5.59
C THR B 66 -23.73 -4.20 4.78
N LYS B 67 -24.27 -5.28 5.34
CA LYS B 67 -25.23 -6.15 4.68
C LYS B 67 -26.65 -5.82 5.07
N SER B 68 -26.83 -4.75 5.88
CA SER B 68 -28.15 -4.31 6.31
C SER B 68 -28.43 -2.89 5.84
N PHE B 69 -29.56 -2.68 5.15
CA PHE B 69 -29.94 -1.36 4.66
C PHE B 69 -30.20 -0.41 5.84
N GLU B 70 -30.99 -0.88 6.81
CA GLU B 70 -31.34 -0.15 8.03
C GLU B 70 -30.11 0.29 8.83
N SER B 71 -29.13 -0.61 8.97
CA SER B 71 -27.90 -0.34 9.70
C SER B 71 -27.04 0.72 8.94
N MET B 72 -26.87 0.55 7.64
CA MET B 72 -26.12 1.48 6.79
C MET B 72 -26.79 2.87 6.74
N GLN B 73 -28.13 2.89 6.75
CA GLN B 73 -28.95 4.09 6.79
C GLN B 73 -28.80 4.84 8.12
N ARG B 74 -28.72 4.11 9.24
CA ARG B 74 -28.55 4.70 10.58
C ARG B 74 -27.17 5.38 10.62
N LEU B 75 -26.14 4.75 10.09
CA LEU B 75 -24.78 5.29 10.03
C LEU B 75 -24.74 6.61 9.24
N CYS B 76 -25.34 6.62 8.06
CA CYS B 76 -25.44 7.79 7.19
C CYS B 76 -26.23 8.87 7.87
N ASP B 77 -27.32 8.50 8.53
CA ASP B 77 -28.15 9.45 9.27
C ASP B 77 -27.40 10.14 10.41
N LYS B 78 -26.61 9.39 11.19
CA LYS B 78 -25.78 9.93 12.30
C LYS B 78 -24.72 10.90 11.79
N TYR B 79 -24.07 10.57 10.65
CA TYR B 79 -23.07 11.42 10.02
C TYR B 79 -23.76 12.69 9.48
N ASN B 80 -24.92 12.52 8.87
CA ASN B 80 -25.67 13.65 8.32
C ASN B 80 -26.18 14.60 9.39
N ARG B 81 -26.64 14.04 10.54
CA ARG B 81 -27.08 14.88 11.65
C ARG B 81 -25.91 15.66 12.25
N ALA B 82 -24.70 15.04 12.35
CA ALA B 82 -23.50 15.67 12.90
C ALA B 82 -23.00 16.80 11.99
N ILE B 83 -23.08 16.62 10.66
CA ILE B 83 -22.75 17.62 9.63
C ILE B 83 -23.64 18.87 9.81
N ASP B 84 -24.95 18.64 10.02
CA ASP B 84 -25.96 19.66 10.27
C ASP B 84 -25.65 20.44 11.53
N SER B 85 -25.17 19.77 12.61
CA SER B 85 -24.83 20.42 13.89
C SER B 85 -23.57 21.29 13.72
N ILE B 86 -22.56 20.77 12.97
CA ILE B 86 -21.34 21.48 12.68
C ILE B 86 -21.65 22.73 11.80
N HIS B 87 -22.58 22.59 10.82
CA HIS B 87 -23.04 23.71 10.00
C HIS B 87 -23.76 24.76 10.85
N GLN B 88 -24.46 24.34 11.91
CA GLN B 88 -25.10 25.29 12.82
C GLN B 88 -24.04 26.02 13.65
N LEU B 89 -23.06 25.26 14.15
CA LEU B 89 -21.94 25.75 14.96
C LEU B 89 -21.14 26.79 14.16
N TRP B 90 -20.92 26.53 12.86
CA TRP B 90 -20.20 27.44 11.98
C TRP B 90 -20.97 28.72 11.66
N LYS B 91 -22.32 28.70 11.73
CA LYS B 91 -23.14 29.91 11.54
C LYS B 91 -22.84 30.85 12.72
N GLY B 92 -23.03 30.34 13.95
CA GLY B 92 -22.79 31.03 15.22
C GLY B 92 -21.45 31.73 15.38
N THR B 93 -20.34 31.05 15.05
CA THR B 93 -18.96 31.58 15.17
C THR B 93 -18.67 32.76 14.22
N LEU B 99 -9.75 24.83 5.14
CA LEU B 99 -10.86 24.20 4.41
C LEU B 99 -10.48 23.98 2.93
N ASN B 100 -10.46 25.09 2.10
CA ASN B 100 -10.09 25.08 0.67
C ASN B 100 -8.56 24.92 0.49
N THR B 101 -8.05 23.77 0.93
CA THR B 101 -6.62 23.43 0.86
C THR B 101 -6.43 22.25 -0.03
N ARG B 102 -5.18 21.92 -0.36
CA ARG B 102 -4.85 20.71 -1.12
C ARG B 102 -5.18 19.54 -0.16
N PRO B 103 -5.68 18.43 -0.67
CA PRO B 103 -6.01 17.31 0.24
C PRO B 103 -4.76 16.70 0.87
N SER B 104 -4.88 16.13 2.08
CA SER B 104 -3.77 15.39 2.69
C SER B 104 -3.53 14.18 1.76
N THR B 105 -2.33 13.61 1.78
CA THR B 105 -1.95 12.47 0.94
C THR B 105 -2.89 11.26 1.17
N GLY B 106 -3.22 10.97 2.42
CA GLY B 106 -4.15 9.91 2.78
C GLY B 106 -5.53 10.12 2.18
N LEU B 107 -6.04 11.36 2.29
CA LEU B 107 -7.35 11.72 1.71
C LEU B 107 -7.30 11.63 0.19
N LEU B 108 -6.22 12.15 -0.45
CA LEU B 108 -6.02 12.08 -1.88
C LEU B 108 -6.09 10.65 -2.41
N ARG B 109 -5.43 9.70 -1.74
CA ARG B 109 -5.48 8.28 -2.14
C ARG B 109 -6.92 7.76 -2.14
N HIS B 110 -7.67 8.06 -1.08
CA HIS B 110 -9.09 7.72 -0.98
C HIS B 110 -9.92 8.39 -2.09
N ILE B 111 -9.73 9.72 -2.33
CA ILE B 111 -10.44 10.44 -3.39
C ILE B 111 -10.21 9.79 -4.78
N LEU B 112 -8.95 9.47 -5.11
CA LEU B 112 -8.57 8.83 -6.36
C LEU B 112 -9.22 7.47 -6.53
N GLN B 113 -9.30 6.68 -5.45
CA GLN B 113 -9.98 5.38 -5.43
C GLN B 113 -11.47 5.53 -5.77
N GLN B 114 -12.11 6.47 -5.10
CA GLN B 114 -13.53 6.82 -5.21
C GLN B 114 -13.79 7.25 -6.66
N VAL B 115 -12.95 8.14 -7.18
CA VAL B 115 -13.01 8.64 -8.57
C VAL B 115 -12.91 7.48 -9.57
N TYR B 116 -11.91 6.61 -9.42
CA TYR B 116 -11.77 5.44 -10.29
C TYR B 116 -13.02 4.53 -10.22
N ASN B 117 -13.48 4.20 -9.02
CA ASN B 117 -14.62 3.31 -8.82
C ASN B 117 -15.96 3.85 -9.35
N HIS B 118 -16.13 5.18 -9.37
CA HIS B 118 -17.32 5.83 -9.91
C HIS B 118 -17.17 6.07 -11.45
N SER B 119 -15.96 5.89 -12.00
CA SER B 119 -15.73 6.12 -13.43
C SER B 119 -15.55 4.85 -14.24
N VAL B 120 -14.76 3.91 -13.74
CA VAL B 120 -14.46 2.67 -14.47
C VAL B 120 -15.34 1.58 -13.86
N THR B 121 -16.55 1.48 -14.41
CA THR B 121 -17.63 0.59 -13.94
C THR B 121 -17.60 -0.78 -14.58
N ASP B 122 -17.11 -0.89 -15.82
CA ASP B 122 -17.03 -2.18 -16.50
C ASP B 122 -15.59 -2.68 -16.52
N PRO B 123 -15.28 -3.49 -15.49
CA PRO B 123 -13.89 -3.59 -15.05
C PRO B 123 -12.97 -4.14 -16.15
N GLU B 124 -13.48 -5.15 -16.93
CA GLU B 124 -12.81 -5.89 -18.02
C GLU B 124 -12.09 -5.00 -19.06
N LYS B 125 -12.77 -3.97 -19.59
CA LYS B 125 -12.21 -3.03 -20.59
C LYS B 125 -11.14 -2.14 -19.97
N PRO B 131 1.37 -4.92 -15.31
CA PRO B 131 1.94 -4.34 -14.09
C PRO B 131 1.40 -2.93 -13.83
N PHE B 132 1.22 -2.58 -12.54
CA PHE B 132 0.68 -1.28 -12.12
C PHE B 132 -0.61 -0.92 -12.84
N SER B 133 -1.61 -1.83 -12.71
CA SER B 133 -2.97 -1.72 -13.26
C SER B 133 -3.72 -0.51 -12.63
N PRO B 134 -4.54 0.25 -13.42
CA PRO B 134 -5.30 1.36 -12.81
C PRO B 134 -6.22 0.92 -11.66
N GLU B 135 -6.70 -0.34 -11.74
CA GLU B 135 -7.56 -0.98 -10.74
C GLU B 135 -6.87 -1.08 -9.35
N VAL B 136 -5.52 -1.10 -9.31
CA VAL B 136 -4.75 -1.20 -8.06
C VAL B 136 -3.80 -0.01 -7.85
N TYR B 137 -4.14 1.15 -8.45
CA TYR B 137 -3.38 2.40 -8.38
C TYR B 137 -3.07 2.81 -6.95
N GLY B 138 -4.11 2.87 -6.11
CA GLY B 138 -4.03 3.24 -4.70
C GLY B 138 -3.09 2.36 -3.92
N GLU B 139 -3.05 1.06 -4.26
CA GLU B 139 -2.21 0.08 -3.57
C GLU B 139 -0.77 -0.06 -4.10
N THR B 140 -0.54 0.12 -5.42
CA THR B 140 0.82 -0.12 -5.94
C THR B 140 1.47 1.08 -6.65
N SER B 141 0.70 2.10 -7.03
CA SER B 141 1.28 3.23 -7.76
C SER B 141 1.32 4.51 -6.98
N PHE B 142 0.27 4.77 -6.19
CA PHE B 142 0.08 6.01 -5.47
C PHE B 142 1.31 6.47 -4.68
N ASP B 143 1.87 5.58 -3.86
CA ASP B 143 3.00 5.90 -2.99
C ASP B 143 4.26 6.24 -3.76
N LEU B 144 4.49 5.54 -4.89
CA LEU B 144 5.64 5.80 -5.74
C LEU B 144 5.49 7.19 -6.37
N VAL B 145 4.33 7.48 -6.94
CA VAL B 145 4.00 8.79 -7.50
C VAL B 145 4.17 9.91 -6.46
N ALA B 146 3.71 9.67 -5.22
CA ALA B 146 3.81 10.62 -4.09
C ALA B 146 5.29 10.92 -3.77
N GLN B 147 6.16 9.88 -3.82
CA GLN B 147 7.61 10.02 -3.66
C GLN B 147 8.23 10.87 -4.77
N MET B 148 7.81 10.65 -6.01
CA MET B 148 8.30 11.38 -7.17
C MET B 148 7.92 12.86 -7.05
N ILE B 149 6.66 13.14 -6.64
CA ILE B 149 6.16 14.51 -6.41
C ILE B 149 7.03 15.23 -5.35
N ASP B 150 7.37 14.53 -4.25
CA ASP B 150 8.18 15.07 -3.17
C ASP B 150 9.59 15.39 -3.60
N GLU B 151 10.14 14.56 -4.50
CA GLU B 151 11.51 14.66 -5.00
C GLU B 151 11.69 15.67 -6.14
N ILE B 152 10.78 15.65 -7.13
CA ILE B 152 10.84 16.54 -8.29
C ILE B 152 10.13 17.82 -7.92
N LYS B 153 10.89 18.78 -7.39
CA LYS B 153 10.30 20.04 -6.92
C LYS B 153 9.74 20.84 -8.09
N MET B 154 8.45 21.15 -8.02
CA MET B 154 7.73 21.87 -9.08
C MET B 154 7.17 23.18 -8.55
N THR B 155 7.31 24.24 -9.34
CA THR B 155 6.84 25.59 -8.98
C THR B 155 5.71 26.04 -9.93
N ASP B 156 5.16 27.26 -9.69
CA ASP B 156 4.12 27.86 -10.53
C ASP B 156 4.59 28.22 -11.96
N ASP B 157 5.91 28.17 -12.22
CA ASP B 157 6.47 28.40 -13.56
C ASP B 157 6.43 27.11 -14.39
N ASP B 158 6.34 25.95 -13.72
CA ASP B 158 6.36 24.67 -14.42
C ASP B 158 5.06 24.32 -15.15
N LEU B 159 5.22 23.64 -16.29
CA LEU B 159 4.15 23.04 -17.07
C LEU B 159 4.45 21.56 -17.03
N PHE B 160 3.51 20.77 -16.54
CA PHE B 160 3.63 19.32 -16.37
C PHE B 160 2.90 18.55 -17.46
N VAL B 161 3.54 17.52 -18.00
CA VAL B 161 2.90 16.65 -18.99
C VAL B 161 3.16 15.17 -18.64
N ASP B 162 2.10 14.36 -18.58
CA ASP B 162 2.23 12.92 -18.44
C ASP B 162 1.99 12.33 -19.83
N LEU B 163 3.07 11.85 -20.51
CA LEU B 163 2.99 11.27 -21.88
C LEU B 163 2.47 9.83 -21.81
N GLY B 164 1.22 9.61 -22.21
CA GLY B 164 0.60 8.29 -22.12
C GLY B 164 0.00 8.20 -20.72
N SER B 165 -1.00 9.06 -20.49
CA SER B 165 -1.64 9.25 -19.22
C SER B 165 -2.70 8.21 -18.85
N GLY B 166 -3.09 7.35 -19.78
CA GLY B 166 -4.11 6.32 -19.53
C GLY B 166 -5.46 6.89 -19.12
N VAL B 167 -5.97 6.46 -17.93
CA VAL B 167 -7.25 6.94 -17.37
C VAL B 167 -7.04 8.25 -16.60
N GLY B 168 -5.80 8.70 -16.48
CA GLY B 168 -5.43 10.01 -15.91
C GLY B 168 -5.10 10.14 -14.45
N GLN B 169 -4.92 9.00 -13.73
CA GLN B 169 -4.60 8.97 -12.30
C GLN B 169 -3.34 9.72 -11.89
N VAL B 170 -2.26 9.60 -12.67
CA VAL B 170 -1.02 10.29 -12.33
C VAL B 170 -1.21 11.79 -12.42
N VAL B 171 -1.87 12.27 -13.48
CA VAL B 171 -2.17 13.70 -13.67
C VAL B 171 -3.01 14.25 -12.49
N LEU B 172 -4.05 13.50 -12.07
CA LEU B 172 -4.94 13.93 -10.98
C LEU B 172 -4.15 14.02 -9.68
N GLN B 173 -3.27 13.02 -9.41
CA GLN B 173 -2.45 13.03 -8.20
C GLN B 173 -1.50 14.24 -8.19
N VAL B 174 -0.75 14.47 -9.29
CA VAL B 174 0.15 15.61 -9.41
C VAL B 174 -0.62 16.96 -9.31
N ALA B 175 -1.77 17.09 -10.02
CA ALA B 175 -2.59 18.33 -9.98
C ALA B 175 -3.09 18.64 -8.56
N ALA B 176 -3.44 17.61 -7.80
CA ALA B 176 -3.90 17.79 -6.41
C ALA B 176 -2.75 18.10 -5.46
N ALA B 177 -1.50 17.90 -5.90
CA ALA B 177 -0.35 18.05 -5.02
C ALA B 177 0.58 19.23 -5.29
N THR B 178 0.70 19.67 -6.55
CA THR B 178 1.65 20.75 -6.89
C THR B 178 0.96 22.03 -7.32
N ASN B 179 1.76 23.11 -7.45
CA ASN B 179 1.26 24.39 -7.97
C ASN B 179 1.73 24.69 -9.41
N CYS B 180 1.96 23.66 -10.29
CA CYS B 180 2.32 23.91 -11.71
C CYS B 180 1.26 24.78 -12.34
N LYS B 181 1.67 25.63 -13.31
CA LYS B 181 0.80 26.50 -14.07
C LYS B 181 -0.34 25.67 -14.70
N HIS B 182 -0.02 24.49 -15.27
CA HIS B 182 -1.01 23.60 -15.87
C HIS B 182 -0.48 22.17 -15.93
N HIS B 183 -1.38 21.20 -15.85
CA HIS B 183 -0.97 19.79 -15.91
C HIS B 183 -1.68 19.14 -17.05
N TYR B 184 -0.94 18.41 -17.88
CA TYR B 184 -1.58 17.76 -19.01
C TYR B 184 -1.38 16.29 -18.99
N GLY B 185 -2.39 15.58 -19.46
CA GLY B 185 -2.35 14.16 -19.71
C GLY B 185 -2.75 13.90 -21.15
N VAL B 186 -1.86 13.24 -21.93
CA VAL B 186 -2.15 12.92 -23.32
C VAL B 186 -2.17 11.38 -23.47
N GLU B 187 -3.31 10.86 -23.95
CA GLU B 187 -3.54 9.42 -24.16
C GLU B 187 -4.09 9.17 -25.57
N LYS B 188 -3.46 8.25 -26.31
CA LYS B 188 -3.82 7.90 -27.69
C LYS B 188 -4.95 6.88 -27.80
N ALA B 189 -4.96 5.84 -26.91
CA ALA B 189 -5.94 4.75 -26.94
C ALA B 189 -7.36 5.19 -26.57
N ASP B 190 -8.34 4.75 -27.39
CA ASP B 190 -9.77 5.06 -27.29
C ASP B 190 -10.38 4.80 -25.91
N ILE B 191 -10.30 3.56 -25.40
CA ILE B 191 -10.87 3.15 -24.09
C ILE B 191 -10.29 3.98 -22.92
N PRO B 192 -8.95 4.07 -22.68
CA PRO B 192 -8.46 4.90 -21.55
C PRO B 192 -8.84 6.39 -21.66
N ALA B 193 -8.69 6.99 -22.86
CA ALA B 193 -9.02 8.40 -23.10
C ALA B 193 -10.50 8.72 -22.82
N LYS B 194 -11.40 7.78 -23.15
CA LYS B 194 -12.83 7.93 -22.89
C LYS B 194 -13.11 7.85 -21.38
N TYR B 195 -12.49 6.90 -20.69
CA TYR B 195 -12.60 6.76 -19.24
C TYR B 195 -12.05 8.00 -18.52
N ALA B 196 -10.94 8.57 -19.02
CA ALA B 196 -10.33 9.79 -18.48
C ALA B 196 -11.31 10.98 -18.47
N GLU B 197 -12.27 11.02 -19.42
CA GLU B 197 -13.32 12.06 -19.48
C GLU B 197 -14.21 11.98 -18.25
N THR B 198 -14.59 10.75 -17.84
CA THR B 198 -15.40 10.50 -16.67
C THR B 198 -14.58 10.77 -15.40
N MET B 199 -13.30 10.30 -15.37
CA MET B 199 -12.35 10.49 -14.25
C MET B 199 -12.22 11.98 -13.96
N ASP B 200 -12.05 12.78 -14.99
CA ASP B 200 -11.97 14.23 -14.93
C ASP B 200 -13.20 14.86 -14.23
N ARG B 201 -14.43 14.50 -14.68
CA ARG B 201 -15.69 15.00 -14.10
C ARG B 201 -15.86 14.55 -12.66
N GLU B 202 -15.63 13.26 -12.40
CA GLU B 202 -15.73 12.66 -11.07
C GLU B 202 -14.72 13.28 -10.08
N PHE B 203 -13.49 13.59 -10.55
CA PHE B 203 -12.45 14.20 -9.71
C PHE B 203 -12.88 15.60 -9.27
N ARG B 204 -13.28 16.45 -10.23
CA ARG B 204 -13.74 17.81 -9.95
C ARG B 204 -14.92 17.79 -9.00
N LYS B 205 -15.86 16.84 -9.18
CA LYS B 205 -17.05 16.68 -8.32
C LYS B 205 -16.67 16.27 -6.90
N TRP B 206 -15.86 15.20 -6.73
CA TRP B 206 -15.46 14.74 -5.40
C TRP B 206 -14.60 15.76 -4.68
N MET B 207 -13.69 16.46 -5.38
CA MET B 207 -12.87 17.51 -4.78
C MET B 207 -13.72 18.65 -4.23
N LYS B 208 -14.77 19.03 -4.96
CA LYS B 208 -15.74 20.05 -4.52
C LYS B 208 -16.50 19.55 -3.28
N TRP B 209 -16.91 18.27 -3.27
CA TRP B 209 -17.64 17.62 -2.16
C TRP B 209 -16.88 17.70 -0.83
N TYR B 210 -15.57 17.46 -0.85
CA TYR B 210 -14.70 17.55 0.33
C TYR B 210 -14.25 18.99 0.59
N GLY B 211 -14.41 19.88 -0.41
CA GLY B 211 -13.95 21.26 -0.34
C GLY B 211 -12.46 21.40 -0.55
N LYS B 212 -11.89 20.53 -1.37
CA LYS B 212 -10.45 20.51 -1.60
C LYS B 212 -10.02 21.19 -2.89
N LYS B 213 -8.85 21.82 -2.83
CA LYS B 213 -8.22 22.56 -3.91
C LYS B 213 -7.29 21.66 -4.77
N HIS B 214 -7.26 21.92 -6.09
CA HIS B 214 -6.35 21.27 -7.05
C HIS B 214 -5.93 22.30 -8.07
N ALA B 215 -4.75 22.11 -8.65
CA ALA B 215 -4.22 22.97 -9.71
C ALA B 215 -5.01 22.71 -11.03
N GLU B 216 -4.81 23.54 -12.04
CA GLU B 216 -5.47 23.34 -13.33
C GLU B 216 -4.84 22.17 -14.06
N TYR B 217 -5.67 21.38 -14.72
CA TYR B 217 -5.20 20.24 -15.49
C TYR B 217 -6.13 19.99 -16.64
N THR B 218 -5.65 19.25 -17.65
CA THR B 218 -6.42 18.84 -18.82
C THR B 218 -6.02 17.43 -19.18
N LEU B 219 -7.02 16.56 -19.35
CA LEU B 219 -6.86 15.21 -19.84
C LEU B 219 -7.36 15.26 -21.30
N GLU B 220 -6.48 14.94 -22.25
CA GLU B 220 -6.85 15.00 -23.67
C GLU B 220 -6.43 13.78 -24.46
N ARG B 221 -7.21 13.50 -25.51
CA ARG B 221 -6.95 12.41 -26.44
C ARG B 221 -5.98 12.95 -27.47
N GLY B 222 -4.92 12.18 -27.73
CA GLY B 222 -3.91 12.56 -28.72
C GLY B 222 -2.71 11.65 -28.79
N ASP B 223 -1.96 11.80 -29.87
CA ASP B 223 -0.72 11.08 -30.13
C ASP B 223 0.38 12.07 -29.75
N PHE B 224 1.19 11.75 -28.72
CA PHE B 224 2.28 12.62 -28.29
C PHE B 224 3.43 12.67 -29.33
N LEU B 225 3.36 11.84 -30.38
CA LEU B 225 4.37 11.84 -31.45
C LEU B 225 3.92 12.67 -32.65
N SER B 226 2.75 13.32 -32.56
CA SER B 226 2.20 14.15 -33.64
C SER B 226 2.94 15.50 -33.78
N GLU B 227 2.73 16.20 -34.92
CA GLU B 227 3.33 17.52 -35.20
C GLU B 227 2.94 18.56 -34.18
N GLU B 228 1.65 18.59 -33.80
CA GLU B 228 1.10 19.47 -32.78
C GLU B 228 1.90 19.31 -31.48
N TRP B 229 2.11 18.04 -31.06
CA TRP B 229 2.78 17.68 -29.82
C TRP B 229 4.30 17.93 -29.80
N ARG B 230 4.95 18.18 -30.97
CA ARG B 230 6.38 18.50 -31.05
C ARG B 230 6.73 19.80 -30.31
N GLU B 231 5.96 20.87 -30.56
CA GLU B 231 6.15 22.19 -29.95
C GLU B 231 5.71 22.14 -28.51
N ARG B 232 4.63 21.38 -28.24
CA ARG B 232 4.11 21.19 -26.88
C ARG B 232 5.16 20.54 -25.98
N ILE B 233 5.88 19.52 -26.49
CA ILE B 233 6.96 18.84 -25.75
C ILE B 233 8.15 19.81 -25.52
N ALA B 234 8.50 20.58 -26.55
CA ALA B 234 9.60 21.55 -26.52
C ALA B 234 9.34 22.64 -25.46
N ASN B 235 8.07 23.00 -25.25
CA ASN B 235 7.70 24.03 -24.28
C ASN B 235 7.32 23.51 -22.89
N THR B 236 7.43 22.18 -22.65
CA THR B 236 7.12 21.58 -21.35
C THR B 236 8.37 21.60 -20.46
N SER B 237 8.24 22.02 -19.20
CA SER B 237 9.40 22.02 -18.30
C SER B 237 9.54 20.70 -17.53
N VAL B 238 8.42 20.00 -17.26
CA VAL B 238 8.45 18.72 -16.54
C VAL B 238 7.65 17.66 -17.29
N ILE B 239 8.33 16.66 -17.83
CA ILE B 239 7.66 15.53 -18.50
C ILE B 239 7.79 14.30 -17.59
N PHE B 240 6.68 13.59 -17.38
CA PHE B 240 6.64 12.29 -16.75
C PHE B 240 6.26 11.34 -17.87
N VAL B 241 6.97 10.22 -17.98
CA VAL B 241 6.67 9.28 -19.06
C VAL B 241 6.92 7.85 -18.61
N ASN B 242 5.86 7.04 -18.55
CA ASN B 242 6.07 5.64 -18.22
C ASN B 242 6.42 4.96 -19.57
N ASN B 243 7.71 4.87 -19.85
CA ASN B 243 8.24 4.31 -21.10
C ASN B 243 8.59 2.83 -21.00
N PHE B 244 8.24 2.16 -19.88
CA PHE B 244 8.54 0.75 -19.63
C PHE B 244 8.17 -0.19 -20.77
N ALA B 245 6.95 -0.02 -21.34
CA ALA B 245 6.42 -0.84 -22.44
C ALA B 245 6.66 -0.23 -23.84
N PHE B 246 7.50 0.82 -23.96
CA PHE B 246 7.74 1.44 -25.27
C PHE B 246 8.69 0.64 -26.14
N GLY B 247 8.34 0.57 -27.42
CA GLY B 247 9.15 -0.08 -28.45
C GLY B 247 10.34 0.79 -28.84
N PRO B 248 11.33 0.25 -29.58
CA PRO B 248 12.50 1.07 -29.95
C PRO B 248 12.21 2.28 -30.85
N GLU B 249 11.15 2.20 -31.68
CA GLU B 249 10.75 3.28 -32.58
C GLU B 249 10.10 4.43 -31.83
N VAL B 250 9.24 4.10 -30.84
CA VAL B 250 8.58 5.10 -29.99
C VAL B 250 9.66 5.79 -29.17
N ASP B 251 10.59 5.01 -28.60
CA ASP B 251 11.73 5.48 -27.82
C ASP B 251 12.60 6.43 -28.64
N HIS B 252 12.92 6.03 -29.90
CA HIS B 252 13.72 6.82 -30.85
C HIS B 252 13.03 8.14 -31.18
N GLN B 253 11.72 8.11 -31.50
CA GLN B 253 10.97 9.32 -31.82
C GLN B 253 10.85 10.29 -30.61
N LEU B 254 10.76 9.73 -29.40
CA LEU B 254 10.65 10.50 -28.17
C LEU B 254 11.93 11.27 -27.83
N LYS B 255 13.11 10.63 -28.03
CA LYS B 255 14.43 11.24 -27.84
C LYS B 255 14.57 12.46 -28.79
N GLU B 256 13.98 12.37 -29.98
CA GLU B 256 13.97 13.42 -31.00
C GLU B 256 13.13 14.62 -30.49
N ARG B 257 12.00 14.33 -29.81
CA ARG B 257 11.12 15.36 -29.21
C ARG B 257 11.84 16.06 -28.05
N PHE B 258 12.50 15.27 -27.20
CA PHE B 258 13.24 15.77 -26.03
C PHE B 258 14.40 16.66 -26.42
N ALA B 259 15.00 16.43 -27.60
CA ALA B 259 16.13 17.21 -28.13
C ALA B 259 15.74 18.69 -28.41
N ASN B 260 14.44 19.02 -28.48
CA ASN B 260 13.93 20.38 -28.69
C ASN B 260 13.57 21.11 -27.37
N MET B 261 13.68 20.41 -26.22
CA MET B 261 13.36 21.01 -24.92
C MET B 261 14.40 22.05 -24.47
N LYS B 262 13.97 22.97 -23.59
CA LYS B 262 14.80 24.06 -23.06
C LYS B 262 15.78 23.52 -22.03
N GLU B 263 16.91 24.23 -21.85
CA GLU B 263 17.92 23.89 -20.83
C GLU B 263 17.22 23.85 -19.49
N GLY B 264 17.48 22.82 -18.69
CA GLY B 264 16.85 22.66 -17.38
C GLY B 264 15.52 21.94 -17.42
N GLY B 265 15.06 21.58 -18.61
CA GLY B 265 13.84 20.82 -18.83
C GLY B 265 14.06 19.45 -18.22
N ARG B 266 13.04 18.90 -17.57
CA ARG B 266 13.19 17.62 -16.89
C ARG B 266 12.28 16.55 -17.40
N ILE B 267 12.82 15.31 -17.44
CA ILE B 267 12.09 14.13 -17.87
C ILE B 267 12.25 13.05 -16.82
N VAL B 268 11.12 12.63 -16.25
CA VAL B 268 11.06 11.58 -15.24
C VAL B 268 10.40 10.36 -15.91
N SER B 269 11.14 9.26 -15.96
CA SER B 269 10.67 8.04 -16.61
C SER B 269 10.87 6.76 -15.79
N SER B 270 10.25 5.65 -16.23
CA SER B 270 10.36 4.34 -15.58
C SER B 270 11.60 3.54 -16.08
N LYS B 271 12.09 3.85 -17.30
CA LYS B 271 13.31 3.32 -17.87
C LYS B 271 14.16 4.51 -18.32
N PRO B 272 15.50 4.52 -18.08
CA PRO B 272 16.33 5.66 -18.56
C PRO B 272 16.40 5.78 -20.08
N PHE B 273 16.47 7.04 -20.59
CA PHE B 273 16.59 7.30 -22.04
C PHE B 273 18.04 7.31 -22.50
N ALA B 274 18.96 7.43 -21.56
CA ALA B 274 20.39 7.45 -21.85
C ALA B 274 21.11 6.69 -20.74
N PRO B 275 22.32 6.09 -20.99
CA PRO B 275 23.03 5.41 -19.90
C PRO B 275 23.30 6.40 -18.74
N LEU B 276 23.34 5.88 -17.51
CA LEU B 276 23.56 6.69 -16.32
C LEU B 276 24.98 7.24 -16.24
N ASN B 277 25.91 6.54 -16.93
CA ASN B 277 27.35 6.71 -17.01
C ASN B 277 27.83 7.12 -18.42
N PHE B 278 26.98 7.79 -19.23
CA PHE B 278 27.35 8.20 -20.60
C PHE B 278 28.68 8.93 -20.71
N ARG B 279 29.56 8.46 -21.61
CA ARG B 279 30.85 9.07 -21.86
C ARG B 279 30.88 9.53 -23.32
N ILE B 280 30.81 10.85 -23.55
CA ILE B 280 30.81 11.46 -24.88
C ILE B 280 32.13 11.17 -25.59
N ASN B 281 32.03 10.70 -26.84
CA ASN B 281 33.15 10.40 -27.72
C ASN B 281 32.73 10.65 -29.18
N SER B 282 33.67 10.45 -30.12
CA SER B 282 33.46 10.68 -31.55
C SER B 282 32.41 9.76 -32.20
N ARG B 283 32.17 8.57 -31.62
CA ARG B 283 31.24 7.58 -32.15
C ARG B 283 29.80 7.71 -31.67
N ASN B 284 29.54 8.45 -30.57
CA ASN B 284 28.20 8.56 -30.01
C ASN B 284 27.64 10.01 -29.96
N LEU B 285 28.10 10.90 -30.85
CA LEU B 285 27.67 12.30 -30.84
C LEU B 285 26.18 12.56 -31.15
N SER B 286 25.49 11.61 -31.78
CA SER B 286 24.08 11.73 -32.12
C SER B 286 23.16 11.23 -31.02
N ASP B 287 23.73 10.56 -29.98
CA ASP B 287 22.98 10.05 -28.83
C ASP B 287 22.44 11.16 -27.93
N ILE B 288 21.24 10.95 -27.39
CA ILE B 288 20.55 11.89 -26.48
C ILE B 288 21.41 12.20 -25.20
N GLY B 289 22.29 11.26 -24.82
CA GLY B 289 23.21 11.39 -23.69
C GLY B 289 24.16 12.57 -23.79
N THR B 290 24.38 13.08 -25.00
CA THR B 290 25.25 14.24 -25.24
C THR B 290 24.59 15.56 -24.74
N ILE B 291 23.25 15.57 -24.48
CA ILE B 291 22.58 16.81 -24.08
C ILE B 291 21.75 16.69 -22.78
N MET B 292 21.95 15.63 -22.00
CA MET B 292 21.21 15.49 -20.75
C MET B 292 21.96 14.75 -19.70
N ARG B 293 21.81 15.20 -18.46
CA ARG B 293 22.33 14.54 -17.26
C ARG B 293 21.22 13.56 -16.86
N VAL B 294 21.57 12.33 -16.46
CA VAL B 294 20.63 11.26 -16.07
C VAL B 294 21.03 10.75 -14.70
N VAL B 295 20.08 10.69 -13.76
CA VAL B 295 20.27 10.15 -12.42
C VAL B 295 19.20 9.11 -12.09
N GLU B 296 19.58 8.11 -11.30
CA GLU B 296 18.65 7.07 -10.85
C GLU B 296 18.27 7.45 -9.44
N LEU B 297 16.96 7.60 -9.25
CA LEU B 297 16.37 7.93 -7.96
C LEU B 297 15.56 6.77 -7.46
N SER B 298 15.57 6.57 -6.16
CA SER B 298 14.85 5.44 -5.58
C SER B 298 14.29 5.81 -4.24
N PRO B 299 13.03 5.46 -3.95
CA PRO B 299 12.48 5.71 -2.62
C PRO B 299 13.29 5.00 -1.51
N LEU B 300 13.96 3.88 -1.83
CA LEU B 300 14.80 3.12 -0.92
C LEU B 300 16.08 3.85 -0.43
N LYS B 301 16.57 4.85 -1.19
CA LYS B 301 17.76 5.67 -0.86
C LYS B 301 17.36 6.77 0.12
N VAL B 304 14.26 8.49 3.98
CA VAL B 304 12.86 8.08 3.79
C VAL B 304 12.66 6.62 4.18
N SER B 305 11.66 6.34 5.07
CA SER B 305 11.30 5.00 5.55
C SER B 305 10.38 4.21 4.56
N TRP B 306 10.92 3.95 3.34
CA TRP B 306 10.21 3.21 2.27
C TRP B 306 10.12 1.73 2.60
N THR B 307 8.95 1.14 2.33
CA THR B 307 8.66 -0.27 2.56
C THR B 307 7.87 -0.88 1.39
N GLY B 308 7.72 -0.16 0.29
CA GLY B 308 7.05 -0.69 -0.91
C GLY B 308 8.03 -1.44 -1.83
N LYS B 309 7.67 -1.59 -3.12
CA LYS B 309 8.49 -2.27 -4.15
C LYS B 309 9.90 -1.62 -4.35
N PRO B 310 10.97 -2.39 -4.66
CA PRO B 310 12.29 -1.76 -4.91
C PRO B 310 12.36 -1.24 -6.36
N VAL B 311 11.59 -0.22 -6.65
CA VAL B 311 11.43 0.36 -7.98
C VAL B 311 12.10 1.74 -8.04
N SER B 312 12.81 2.00 -9.16
CA SER B 312 13.53 3.24 -9.42
C SER B 312 12.81 4.10 -10.45
N TYR B 313 13.12 5.39 -10.45
CA TYR B 313 12.66 6.33 -11.47
C TYR B 313 13.88 7.09 -11.95
N TYR B 314 13.83 7.59 -13.18
CA TYR B 314 14.98 8.20 -13.82
C TYR B 314 14.76 9.64 -14.16
N LEU B 315 15.61 10.51 -13.62
CA LEU B 315 15.53 11.95 -13.85
C LEU B 315 16.58 12.41 -14.87
N HIS B 316 16.10 12.93 -16.00
CA HIS B 316 16.93 13.45 -17.09
C HIS B 316 16.77 14.98 -17.08
N THR B 317 17.88 15.70 -17.12
CA THR B 317 17.86 17.16 -17.17
C THR B 317 18.59 17.62 -18.40
N ILE B 318 17.97 18.51 -19.20
CA ILE B 318 18.58 19.07 -20.42
C ILE B 318 19.81 19.90 -20.02
N ASP B 319 20.99 19.46 -20.48
CA ASP B 319 22.30 20.05 -20.22
C ASP B 319 23.15 19.99 -21.48
N ARG B 320 23.15 21.06 -22.27
CA ARG B 320 23.91 21.13 -23.52
C ARG B 320 25.39 21.41 -23.31
N THR B 321 25.82 21.65 -22.05
CA THR B 321 27.24 21.87 -21.72
C THR B 321 28.04 20.60 -21.94
N ILE B 322 27.38 19.42 -21.86
CA ILE B 322 28.03 18.12 -22.11
C ILE B 322 28.59 18.13 -23.55
N LEU B 323 27.76 18.54 -24.51
CA LEU B 323 28.12 18.63 -25.91
C LEU B 323 29.13 19.76 -26.15
N GLU B 324 28.89 20.93 -25.53
CA GLU B 324 29.69 22.15 -25.62
C GLU B 324 31.14 21.89 -25.21
N ASN B 325 31.35 21.28 -24.02
CA ASN B 325 32.67 20.97 -23.45
C ASN B 325 33.46 20.00 -24.32
N TYR B 326 32.78 19.02 -24.94
CA TYR B 326 33.39 18.05 -25.85
C TYR B 326 33.98 18.80 -27.05
N PHE B 327 33.22 19.75 -27.62
CA PHE B 327 33.68 20.55 -28.77
C PHE B 327 34.83 21.47 -28.41
N SER B 328 34.75 22.13 -27.24
CA SER B 328 35.81 23.01 -26.71
C SER B 328 37.10 22.20 -26.41
N SER B 329 36.94 20.91 -26.03
CA SER B 329 38.06 20.00 -25.75
C SER B 329 38.81 19.65 -27.05
N LEU B 330 38.09 19.61 -28.18
CA LEU B 330 38.65 19.33 -29.51
C LEU B 330 39.37 20.59 -30.06
N LYS B 331 38.71 21.77 -29.94
CA LYS B 331 39.23 23.06 -30.42
C LYS B 331 40.37 23.64 -29.54
C1 5EV C . -6.40 -7.10 14.34
C2 5EV C . -6.13 -7.22 12.98
C3 5EV C . -5.69 -8.45 12.43
C11 5EV C . -6.19 -5.84 10.99
C13 5EV C . -5.50 -11.39 11.68
C14 5EV C . -4.92 -5.77 10.39
C15 5EV C . -4.77 -5.54 9.01
C16 5EV C . -5.92 -5.35 8.23
C17 5EV C . -7.19 -5.39 8.82
C18 5EV C . -7.33 -5.66 10.20
C20 5EV C . -5.36 -13.28 10.25
C21 5EV C . -5.90 -12.54 9.19
C22 5EV C . -6.22 -11.18 9.42
C25 5EV C . -9.78 -5.60 10.23
C26 5EV C . -10.37 -6.71 9.59
C27 5EV C . -11.66 -6.58 9.02
C28 5EV C . -12.32 -5.35 9.07
C29 5EV C . -11.73 -4.25 9.72
C30 5EV C . -10.47 -4.37 10.29
C4 5EV C . -5.61 -9.57 13.31
C5 5EV C . -5.79 -9.39 14.70
C6 5EV C . -6.16 -8.14 15.24
C7 5EV C . -6.77 -5.66 14.50
C8 5EV C . -6.71 -5.13 13.26
N9 5EV C . -6.33 -6.04 12.37
C10 5EV C . -7.02 -3.68 12.98
N12 5EV C . -5.26 -10.82 12.90
N19 5EV C . -5.17 -12.70 11.45
N23 5EV C . -6.01 -10.67 10.66
O24 5EV C . -8.55 -5.71 10.87
N31 5EV C . -6.74 -10.39 8.43
C32 5EV C . -6.84 -8.92 8.45
S SO4 D . 18.38 -8.09 14.68
O1 SO4 D . 19.73 -7.98 14.11
O2 SO4 D . 18.32 -7.25 15.89
O3 SO4 D . 17.40 -7.60 13.71
O4 SO4 D . 18.11 -9.50 14.99
S SO4 E . 23.39 -21.62 -12.14
O1 SO4 E . 24.80 -21.97 -11.96
O2 SO4 E . 23.29 -20.24 -12.61
O3 SO4 E . 22.76 -22.52 -13.12
O4 SO4 E . 22.68 -21.77 -10.86
C1 5EV F . 6.96 7.31 -14.20
C2 5EV F . 5.91 6.59 -13.64
C3 5EV F . 4.59 6.83 -14.03
C11 5EV F . 5.61 4.84 -11.99
C13 5EV F . 2.09 7.21 -15.64
C14 5EV F . 4.78 5.31 -10.95
C15 5EV F . 4.01 4.43 -10.18
C16 5EV F . 4.05 3.05 -10.46
C17 5EV F . 4.92 2.55 -11.46
C18 5EV F . 5.67 3.45 -12.25
C20 5EV F . -0.15 6.80 -16.28
C21 5EV F . -0.07 5.48 -15.79
C22 5EV F . 1.14 5.06 -15.19
C25 5EV F . 6.56 1.77 -13.85
C26 5EV F . 5.55 1.33 -14.71
C27 5EV F . 5.63 0.04 -15.28
C28 5EV F . 6.72 -0.80 -14.93
C29 5EV F . 7.73 -0.33 -14.07
C30 5EV F . 7.65 0.95 -13.53
C4 5EV F . 4.37 7.79 -15.06
C5 5EV F . 5.44 8.56 -15.55
C6 5EV F . 6.77 8.32 -15.17
C7 5EV F . 8.17 6.75 -13.54
C8 5EV F . 7.72 5.82 -12.67
N9 5EV F . 6.40 5.71 -12.72
C10 5EV F . 8.67 5.05 -11.77
N12 5EV F . 3.13 8.09 -15.55
N19 5EV F . 0.92 7.62 -16.18
N23 5EV F . 2.18 5.94 -15.16
O24 5EV F . 6.52 3.05 -13.31
N31 5EV F . 1.31 3.80 -14.72
C32 5EV F . 2.17 3.41 -13.61
S SO4 G . -2.63 24.83 0.07
O1 SO4 G . -1.67 25.26 -0.95
O2 SO4 G . -2.33 25.47 1.35
O3 SO4 G . -3.98 25.22 -0.37
O4 SO4 G . -2.54 23.38 0.26
S SO4 H . -30.72 13.20 5.23
O1 SO4 H . -30.10 12.21 6.15
O2 SO4 H . -30.63 14.55 5.82
O3 SO4 H . -30.06 13.19 3.92
O4 SO4 H . -32.14 12.87 5.06
#